data_1JW0
#
_entry.id   1JW0
#
_cell.length_a   73.709
_cell.length_b   73.709
_cell.length_c   381.207
_cell.angle_alpha   90.00
_cell.angle_beta   90.00
_cell.angle_gamma   90.00
#
_symmetry.space_group_name_H-M   'P 41 21 2'
#
loop_
_entity.id
_entity.type
_entity.pdbx_description
1 polymer 'cephalosporin acylase alpha chain'
2 polymer 'cephalosporin acylase beta chain'
3 non-polymer 'GLUTARIC ACID'
4 water water
#
loop_
_entity_poly.entity_id
_entity_poly.type
_entity_poly.pdbx_seq_one_letter_code
_entity_poly.pdbx_strand_id
1 'polypeptide(L)'
;EPTSTPQAPIAAYKPRSNEILWDGYGVPHIYGVDAPSAFYGYGWAQARSHGDNILRLYGEARGKGAEYWGPDYEQTTVWL
LTNGVPERAQQWYAQQSPDFRANLDAFAAGINAYAQQNPDDISPEVRQVLPVSGADVVAHAHRL(MSE)NFLYVASPGRT
LG
;
A
2 'polypeptide(L)'
;SNSWAVAPGKTANGNALLLQNPHLSWTTDYFTYYEAHLVTPDFEIYGATQIGLPVIRFAFNQR(MSE)GITNTVNG
(MSE)VGATNYRLTLQDGGYLYDGQVRPFERRQASYRLRQADGSTVDKPLEIRSSVHGPVFERADGTAVAVRVAGLDRPG
(MSE)LEQYFD(MSE)ITAHSFDDYEAA(MSE)AR(MSE)QVPTFNIVYADREGTINYSFNGVAPKRAEGDIAFWQGNVP
GDSSRYLWTETHPLDDLPRVTNPPGGFVQNSNDPPWTPTWPVTYCPANHPSYLAPQTPHSLRAQQSVRL(MSE)SENDDL
TLERF(MSE)ALQFSHRAV(MSE)ADRTLPDLIPAALIDPDPEVQAAARLLAAWDRDFTSDSRAALLFEEWARLFAGQNF
AGQAAFATPWSLDKPVSTPYGVRDPKAAVDQLRTAIANTKRKYGAIDRPFGDASR(MSE)ILNDVNVPGAAGYGNLGSFR
VFTWSDPDENGIRTPVHGETWVA(MSE)IEFSTPVRAYGL(MSE)SYGNSRQPGTTHYSDQIERVSRADFRELLLRREQV
EAAVQERTPFNF
;
B
#
# COMPACT_ATOMS: atom_id res chain seq x y z
N GLN A 7 -29.86 3.02 -17.37
CA GLN A 7 -30.59 2.03 -16.55
C GLN A 7 -29.77 0.76 -16.33
N ALA A 8 -29.67 -0.05 -17.37
CA ALA A 8 -28.89 -1.30 -17.31
C ALA A 8 -27.50 -1.03 -17.87
N PRO A 9 -26.47 -1.70 -17.32
CA PRO A 9 -25.08 -1.53 -17.78
C PRO A 9 -24.97 -1.77 -19.27
N ILE A 10 -23.95 -1.19 -19.90
CA ILE A 10 -23.77 -1.40 -21.33
C ILE A 10 -23.47 -2.87 -21.54
N ALA A 11 -24.02 -3.44 -22.63
CA ALA A 11 -23.80 -4.84 -22.94
C ALA A 11 -22.34 -5.23 -22.77
N ALA A 12 -22.12 -6.38 -22.16
CA ALA A 12 -20.77 -6.88 -21.94
C ALA A 12 -20.19 -7.43 -23.24
N TYR A 13 -18.87 -7.55 -23.30
CA TYR A 13 -18.24 -8.07 -24.48
C TYR A 13 -18.16 -9.58 -24.34
N LYS A 14 -18.41 -10.30 -25.44
CA LYS A 14 -18.34 -11.75 -25.41
C LYS A 14 -17.14 -12.14 -26.25
N PRO A 15 -15.96 -12.28 -25.62
CA PRO A 15 -14.77 -12.67 -26.38
C PRO A 15 -14.90 -14.03 -27.04
N ARG A 16 -14.61 -14.10 -28.33
CA ARG A 16 -14.71 -15.35 -29.05
C ARG A 16 -13.36 -16.02 -29.30
N SER A 17 -12.31 -15.47 -28.72
CA SER A 17 -10.98 -16.06 -28.86
C SER A 17 -10.05 -15.48 -27.80
N ASN A 18 -9.05 -16.25 -27.42
CA ASN A 18 -8.10 -15.80 -26.40
C ASN A 18 -6.99 -14.98 -27.01
N GLU A 19 -6.86 -13.74 -26.55
CA GLU A 19 -5.84 -12.84 -27.08
C GLU A 19 -5.57 -11.71 -26.08
N ILE A 20 -4.37 -11.14 -26.18
CA ILE A 20 -3.99 -10.02 -25.34
C ILE A 20 -3.80 -8.81 -26.25
N LEU A 21 -4.54 -7.74 -26.00
CA LEU A 21 -4.38 -6.54 -26.81
C LEU A 21 -3.62 -5.51 -25.96
N TRP A 22 -2.34 -5.33 -26.25
CA TRP A 22 -1.50 -4.38 -25.52
C TRP A 22 -1.61 -2.97 -26.11
N ASP A 23 -1.80 -1.98 -25.24
CA ASP A 23 -1.91 -0.61 -25.70
C ASP A 23 -0.52 0.03 -25.71
N GLY A 24 -0.47 1.30 -26.11
CA GLY A 24 0.78 2.02 -26.20
C GLY A 24 1.62 2.16 -24.95
N TYR A 25 1.06 1.87 -23.78
CA TYR A 25 1.83 1.98 -22.55
C TYR A 25 2.19 0.65 -21.91
N GLY A 26 1.99 -0.44 -22.63
CA GLY A 26 2.31 -1.75 -22.08
C GLY A 26 1.23 -2.28 -21.16
N VAL A 27 0.04 -1.71 -21.26
CA VAL A 27 -1.10 -2.14 -20.46
C VAL A 27 -1.78 -3.27 -21.23
N PRO A 28 -1.78 -4.49 -20.67
CA PRO A 28 -2.40 -5.64 -21.34
C PRO A 28 -3.91 -5.78 -21.15
N HIS A 29 -4.60 -6.01 -22.25
CA HIS A 29 -6.04 -6.21 -22.23
C HIS A 29 -6.23 -7.68 -22.55
N ILE A 30 -6.32 -8.50 -21.51
CA ILE A 30 -6.47 -9.94 -21.63
C ILE A 30 -7.91 -10.38 -21.86
N TYR A 31 -8.17 -10.99 -23.02
CA TYR A 31 -9.50 -11.49 -23.37
C TYR A 31 -9.48 -13.01 -23.42
N GLY A 32 -10.37 -13.64 -22.64
CA GLY A 32 -10.43 -15.10 -22.63
C GLY A 32 -11.84 -15.61 -22.82
N VAL A 33 -11.97 -16.81 -23.40
CA VAL A 33 -13.28 -17.41 -23.63
C VAL A 33 -13.84 -17.98 -22.33
N ASP A 34 -13.00 -18.00 -21.30
CA ASP A 34 -13.41 -18.48 -19.98
C ASP A 34 -12.43 -18.02 -18.91
N ALA A 35 -12.80 -18.22 -17.64
CA ALA A 35 -11.95 -17.78 -16.53
C ALA A 35 -10.51 -18.30 -16.59
N PRO A 36 -10.33 -19.62 -16.67
CA PRO A 36 -8.95 -20.13 -16.73
C PRO A 36 -8.12 -19.47 -17.83
N SER A 37 -8.72 -19.27 -18.99
CA SER A 37 -8.02 -18.65 -20.12
C SER A 37 -7.54 -17.25 -19.78
N ALA A 38 -8.41 -16.46 -19.17
CA ALA A 38 -8.07 -15.09 -18.81
C ALA A 38 -6.95 -15.07 -17.78
N PHE A 39 -7.00 -15.98 -16.81
CA PHE A 39 -5.96 -16.02 -15.79
C PHE A 39 -4.62 -16.40 -16.41
N TYR A 40 -4.66 -17.29 -17.39
CA TYR A 40 -3.47 -17.73 -18.10
C TYR A 40 -2.89 -16.51 -18.82
N GLY A 41 -3.77 -15.76 -19.49
CA GLY A 41 -3.36 -14.56 -20.19
C GLY A 41 -2.75 -13.55 -19.24
N TYR A 42 -3.37 -13.42 -18.06
CA TYR A 42 -2.90 -12.48 -17.05
C TYR A 42 -1.50 -12.90 -16.58
N GLY A 43 -1.31 -14.21 -16.40
CA GLY A 43 -0.02 -14.71 -15.97
C GLY A 43 1.07 -14.49 -17.02
N TRP A 44 0.67 -14.59 -18.28
CA TRP A 44 1.59 -14.40 -19.40
C TRP A 44 2.04 -12.93 -19.42
N ALA A 45 1.06 -12.03 -19.34
CA ALA A 45 1.33 -10.59 -19.36
C ALA A 45 2.29 -10.20 -18.23
N GLN A 46 2.00 -10.68 -17.02
CA GLN A 46 2.86 -10.36 -15.89
C GLN A 46 4.28 -10.87 -16.05
N ALA A 47 4.44 -12.04 -16.67
CA ALA A 47 5.79 -12.58 -16.89
C ALA A 47 6.48 -11.70 -17.93
N ARG A 48 5.70 -11.21 -18.88
CA ARG A 48 6.21 -10.33 -19.92
C ARG A 48 6.72 -9.02 -19.32
N SER A 49 5.93 -8.43 -18.42
CA SER A 49 6.26 -7.14 -17.83
C SER A 49 7.07 -7.10 -16.53
N HIS A 50 7.02 -8.17 -15.74
CA HIS A 50 7.73 -8.20 -14.47
C HIS A 50 8.25 -9.60 -14.14
N GLY A 51 8.42 -10.42 -15.16
CA GLY A 51 8.89 -11.79 -14.96
C GLY A 51 10.03 -12.02 -13.99
N ASP A 52 11.11 -11.26 -14.11
CA ASP A 52 12.26 -11.46 -13.22
C ASP A 52 11.95 -11.33 -11.74
N ASN A 53 11.33 -10.23 -11.34
CA ASN A 53 11.02 -10.04 -9.93
C ASN A 53 9.94 -10.98 -9.41
N ILE A 54 8.98 -11.33 -10.26
CA ILE A 54 7.92 -12.25 -9.83
C ILE A 54 8.54 -13.60 -9.51
N LEU A 55 9.35 -14.11 -10.44
CA LEU A 55 10.01 -15.40 -10.25
C LEU A 55 10.88 -15.40 -9.01
N ARG A 56 11.61 -14.31 -8.79
CA ARG A 56 12.47 -14.19 -7.64
C ARG A 56 11.65 -14.24 -6.35
N LEU A 57 10.57 -13.46 -6.31
CA LEU A 57 9.70 -13.43 -5.15
C LEU A 57 9.07 -14.81 -4.91
N TYR A 58 8.58 -15.43 -5.97
CA TYR A 58 7.99 -16.77 -5.85
C TYR A 58 9.03 -17.72 -5.28
N GLY A 59 10.28 -17.55 -5.73
CA GLY A 59 11.35 -18.38 -5.23
C GLY A 59 11.49 -18.21 -3.72
N GLU A 60 11.41 -16.96 -3.27
CA GLU A 60 11.52 -16.69 -1.84
C GLU A 60 10.37 -17.33 -1.08
N ALA A 61 9.16 -17.24 -1.64
CA ALA A 61 7.98 -17.80 -1.01
C ALA A 61 8.10 -19.31 -0.79
N ARG A 62 8.94 -19.97 -1.58
CA ARG A 62 9.17 -21.41 -1.45
C ARG A 62 10.13 -21.66 -0.30
N GLY A 63 10.72 -20.58 0.21
CA GLY A 63 11.68 -20.72 1.29
C GLY A 63 12.99 -21.18 0.69
N LYS A 64 13.16 -20.92 -0.61
CA LYS A 64 14.36 -21.29 -1.35
C LYS A 64 15.28 -20.09 -1.61
N GLY A 65 14.96 -18.96 -1.00
CA GLY A 65 15.78 -17.77 -1.18
C GLY A 65 17.26 -18.01 -0.91
N ALA A 66 17.57 -18.57 0.25
CA ALA A 66 18.96 -18.83 0.61
C ALA A 66 19.62 -19.83 -0.35
N GLU A 67 18.84 -20.80 -0.82
CA GLU A 67 19.34 -21.82 -1.71
C GLU A 67 19.65 -21.27 -3.10
N TYR A 68 18.69 -20.59 -3.68
CA TYR A 68 18.83 -20.02 -5.01
C TYR A 68 19.81 -18.85 -5.12
N TRP A 69 19.78 -17.95 -4.14
CA TRP A 69 20.62 -16.75 -4.21
C TRP A 69 21.55 -16.44 -3.05
N GLY A 70 21.70 -17.37 -2.11
CA GLY A 70 22.60 -17.15 -1.00
C GLY A 70 22.24 -16.23 0.16
N PRO A 71 23.25 -15.82 0.96
CA PRO A 71 23.26 -14.97 2.14
C PRO A 71 22.26 -13.81 2.23
N ASP A 72 22.22 -12.96 1.21
CA ASP A 72 21.32 -11.83 1.23
C ASP A 72 19.85 -12.21 1.34
N TYR A 73 19.54 -13.48 1.09
CA TYR A 73 18.15 -13.93 1.15
C TYR A 73 17.90 -14.91 2.29
N GLU A 74 18.92 -15.17 3.09
CA GLU A 74 18.82 -16.12 4.20
C GLU A 74 17.90 -15.70 5.35
N GLN A 75 17.89 -14.42 5.71
CA GLN A 75 17.04 -13.95 6.80
C GLN A 75 15.57 -14.20 6.48
N THR A 76 15.15 -13.83 5.27
CA THR A 76 13.78 -14.02 4.86
C THR A 76 13.43 -15.52 4.84
N THR A 77 14.36 -16.34 4.36
CA THR A 77 14.14 -17.78 4.31
C THR A 77 13.85 -18.31 5.71
N VAL A 78 14.68 -17.91 6.67
CA VAL A 78 14.51 -18.34 8.05
C VAL A 78 13.16 -17.85 8.59
N TRP A 79 12.81 -16.62 8.24
CA TRP A 79 11.56 -16.01 8.68
C TRP A 79 10.36 -16.79 8.15
N LEU A 80 10.40 -17.18 6.87
CA LEU A 80 9.29 -17.90 6.26
C LEU A 80 9.22 -19.37 6.66
N LEU A 81 10.38 -20.01 6.83
CA LEU A 81 10.39 -21.41 7.22
C LEU A 81 9.92 -21.55 8.66
N THR A 82 10.47 -20.73 9.54
CA THR A 82 10.10 -20.79 10.94
C THR A 82 8.61 -20.59 11.13
N ASN A 83 7.98 -19.83 10.23
CA ASN A 83 6.54 -19.59 10.31
C ASN A 83 5.78 -20.54 9.38
N GLY A 84 6.48 -21.56 8.88
CA GLY A 84 5.87 -22.55 8.00
C GLY A 84 5.04 -22.03 6.84
N VAL A 85 5.45 -20.90 6.26
CA VAL A 85 4.71 -20.32 5.15
C VAL A 85 4.64 -21.18 3.87
N PRO A 86 5.78 -21.74 3.43
CA PRO A 86 5.73 -22.56 2.22
C PRO A 86 4.87 -23.81 2.35
N GLU A 87 4.86 -24.42 3.52
CA GLU A 87 4.03 -25.62 3.71
C GLU A 87 2.56 -25.23 3.83
N ARG A 88 2.28 -24.15 4.54
CA ARG A 88 0.90 -23.70 4.69
C ARG A 88 0.36 -23.29 3.33
N ALA A 89 1.25 -22.84 2.45
CA ALA A 89 0.84 -22.45 1.12
C ALA A 89 0.35 -23.69 0.39
N GLN A 90 1.02 -24.82 0.62
CA GLN A 90 0.62 -26.08 -0.01
C GLN A 90 -0.79 -26.43 0.45
N GLN A 91 -1.02 -26.32 1.76
CA GLN A 91 -2.32 -26.62 2.33
C GLN A 91 -3.39 -25.71 1.76
N TRP A 92 -3.17 -24.41 1.82
CA TRP A 92 -4.12 -23.44 1.30
C TRP A 92 -4.44 -23.74 -0.17
N TYR A 93 -3.41 -24.10 -0.93
CA TYR A 93 -3.62 -24.40 -2.35
C TYR A 93 -4.59 -25.57 -2.47
N ALA A 94 -4.33 -26.62 -1.69
CA ALA A 94 -5.17 -27.80 -1.70
C ALA A 94 -6.58 -27.51 -1.19
N GLN A 95 -6.72 -26.52 -0.32
CA GLN A 95 -8.03 -26.17 0.25
C GLN A 95 -8.85 -25.22 -0.60
N GLN A 96 -8.34 -24.84 -1.77
CA GLN A 96 -9.05 -23.93 -2.66
C GLN A 96 -10.22 -24.66 -3.29
N SER A 97 -11.24 -23.93 -3.72
CA SER A 97 -12.36 -24.58 -4.37
C SER A 97 -11.81 -25.02 -5.72
N PRO A 98 -12.31 -26.14 -6.25
CA PRO A 98 -11.82 -26.64 -7.55
C PRO A 98 -11.77 -25.55 -8.63
N ASP A 99 -12.84 -24.76 -8.74
CA ASP A 99 -12.92 -23.71 -9.73
C ASP A 99 -11.77 -22.71 -9.65
N PHE A 100 -11.57 -22.14 -8.46
CA PHE A 100 -10.52 -21.17 -8.31
C PHE A 100 -9.12 -21.78 -8.44
N ARG A 101 -8.94 -23.01 -7.96
CA ARG A 101 -7.64 -23.66 -8.09
C ARG A 101 -7.31 -23.80 -9.58
N ALA A 102 -8.35 -23.94 -10.39
CA ALA A 102 -8.14 -24.05 -11.82
C ALA A 102 -7.61 -22.73 -12.39
N ASN A 103 -8.10 -21.61 -11.86
CA ASN A 103 -7.65 -20.29 -12.30
C ASN A 103 -6.21 -20.03 -11.87
N LEU A 104 -5.85 -20.54 -10.69
CA LEU A 104 -4.49 -20.37 -10.18
C LEU A 104 -3.53 -21.22 -11.00
N ASP A 105 -3.94 -22.43 -11.35
CA ASP A 105 -3.09 -23.29 -12.15
C ASP A 105 -2.88 -22.64 -13.50
N ALA A 106 -3.92 -22.00 -14.01
CA ALA A 106 -3.86 -21.33 -15.30
C ALA A 106 -2.90 -20.16 -15.26
N PHE A 107 -2.93 -19.41 -14.16
CA PHE A 107 -2.07 -18.25 -13.99
C PHE A 107 -0.61 -18.67 -14.03
N ALA A 108 -0.27 -19.71 -13.26
CA ALA A 108 1.10 -20.21 -13.22
C ALA A 108 1.50 -20.76 -14.59
N ALA A 109 0.55 -21.42 -15.26
CA ALA A 109 0.80 -21.98 -16.58
C ALA A 109 1.12 -20.85 -17.56
N GLY A 110 0.44 -19.72 -17.41
CA GLY A 110 0.70 -18.59 -18.28
C GLY A 110 2.11 -18.06 -18.10
N ILE A 111 2.58 -18.02 -16.86
CA ILE A 111 3.93 -17.55 -16.57
C ILE A 111 4.92 -18.54 -17.16
N ASN A 112 4.73 -19.83 -16.89
CA ASN A 112 5.62 -20.86 -17.40
C ASN A 112 5.68 -20.78 -18.92
N ALA A 113 4.50 -20.66 -19.52
CA ALA A 113 4.38 -20.58 -20.97
C ALA A 113 5.21 -19.43 -21.53
N TYR A 114 5.06 -18.25 -20.94
CA TYR A 114 5.81 -17.11 -21.42
C TYR A 114 7.32 -17.37 -21.35
N ALA A 115 7.78 -17.89 -20.21
CA ALA A 115 9.20 -18.18 -20.04
C ALA A 115 9.65 -19.22 -21.08
N GLN A 116 8.75 -20.13 -21.41
CA GLN A 116 9.02 -21.18 -22.38
C GLN A 116 9.24 -20.58 -23.78
N GLN A 117 8.32 -19.72 -24.20
CA GLN A 117 8.39 -19.08 -25.51
C GLN A 117 9.40 -17.93 -25.60
N ASN A 118 9.82 -17.39 -24.47
CA ASN A 118 10.77 -16.27 -24.45
C ASN A 118 11.88 -16.45 -23.43
N PRO A 119 12.64 -17.54 -23.55
CA PRO A 119 13.73 -17.79 -22.59
C PRO A 119 14.74 -16.65 -22.47
N ASP A 120 14.93 -15.89 -23.54
CA ASP A 120 15.87 -14.80 -23.51
C ASP A 120 15.43 -13.64 -22.62
N ASP A 121 14.13 -13.52 -22.39
CA ASP A 121 13.62 -12.44 -21.54
C ASP A 121 13.70 -12.75 -20.04
N ILE A 122 14.10 -13.97 -19.68
CA ILE A 122 14.19 -14.34 -18.28
C ILE A 122 15.63 -14.27 -17.80
N SER A 123 15.85 -13.53 -16.73
CA SER A 123 17.19 -13.36 -16.18
C SER A 123 17.76 -14.68 -15.69
N PRO A 124 19.02 -14.97 -16.05
CA PRO A 124 19.71 -16.21 -15.66
C PRO A 124 19.48 -16.69 -14.22
N GLU A 125 19.78 -15.84 -13.24
CA GLU A 125 19.62 -16.20 -11.84
C GLU A 125 18.26 -16.72 -11.40
N VAL A 126 17.18 -16.31 -12.07
CA VAL A 126 15.85 -16.76 -11.70
C VAL A 126 15.29 -17.88 -12.57
N ARG A 127 16.12 -18.44 -13.44
CA ARG A 127 15.66 -19.51 -14.32
C ARG A 127 15.40 -20.78 -13.53
N GLN A 128 16.23 -21.03 -12.53
CA GLN A 128 16.11 -22.22 -11.70
C GLN A 128 14.78 -22.29 -10.94
N VAL A 129 14.08 -21.17 -10.82
CA VAL A 129 12.80 -21.13 -10.13
C VAL A 129 11.75 -21.90 -10.92
N LEU A 130 11.79 -21.73 -12.24
CA LEU A 130 10.84 -22.38 -13.14
C LEU A 130 10.91 -23.91 -13.05
N PRO A 131 9.76 -24.58 -13.24
CA PRO A 131 8.45 -23.99 -13.50
C PRO A 131 7.74 -23.60 -12.20
N VAL A 132 6.87 -22.58 -12.26
CA VAL A 132 6.13 -22.15 -11.08
C VAL A 132 4.81 -22.90 -11.06
N SER A 133 4.20 -23.02 -9.89
CA SER A 133 2.93 -23.72 -9.75
C SER A 133 1.88 -22.87 -9.06
N GLY A 134 0.65 -23.36 -9.04
CA GLY A 134 -0.42 -22.63 -8.39
C GLY A 134 -0.12 -22.39 -6.92
N ALA A 135 0.52 -23.35 -6.27
CA ALA A 135 0.87 -23.21 -4.86
C ALA A 135 1.85 -22.06 -4.66
N ASP A 136 2.72 -21.84 -5.64
CA ASP A 136 3.69 -20.75 -5.57
C ASP A 136 2.91 -19.43 -5.51
N VAL A 137 1.89 -19.32 -6.35
CA VAL A 137 1.05 -18.12 -6.40
C VAL A 137 0.40 -17.92 -5.04
N VAL A 138 -0.03 -19.02 -4.43
CA VAL A 138 -0.67 -18.97 -3.12
C VAL A 138 0.38 -18.60 -2.07
N ALA A 139 1.54 -19.22 -2.15
CA ALA A 139 2.62 -18.95 -1.19
C ALA A 139 2.94 -17.47 -1.11
N HIS A 140 3.31 -16.88 -2.25
CA HIS A 140 3.66 -15.46 -2.30
C HIS A 140 2.57 -14.59 -1.68
N ALA A 141 1.34 -14.76 -2.16
CA ALA A 141 0.22 -13.99 -1.64
C ALA A 141 0.14 -14.15 -0.13
N HIS A 142 0.35 -15.39 0.35
CA HIS A 142 0.29 -15.65 1.78
C HIS A 142 1.42 -14.93 2.50
N ARG A 143 2.56 -14.79 1.84
CA ARG A 143 3.69 -14.10 2.45
C ARG A 143 3.45 -12.60 2.51
N LEU A 144 2.93 -12.06 1.41
CA LEU A 144 2.66 -10.64 1.32
C LEU A 144 1.62 -10.15 2.33
N ASN A 146 0.17 -11.95 5.22
CA ASN A 146 0.43 -12.28 6.61
C ASN A 146 1.86 -12.09 7.12
N PHE A 147 2.86 -12.21 6.26
CA PHE A 147 4.21 -12.04 6.75
C PHE A 147 5.03 -10.90 6.18
N LEU A 148 4.32 -9.82 5.86
CA LEU A 148 4.91 -8.59 5.35
C LEU A 148 4.00 -7.49 5.88
N TYR A 149 2.74 -7.51 5.46
CA TYR A 149 1.79 -6.52 5.90
C TYR A 149 1.37 -6.72 7.36
N VAL A 150 0.68 -7.81 7.67
CA VAL A 150 0.24 -8.05 9.04
C VAL A 150 1.37 -8.30 10.03
N ALA A 151 2.14 -9.36 9.84
CA ALA A 151 3.24 -9.67 10.75
C ALA A 151 4.60 -9.54 10.09
N SER A 152 5.15 -8.33 10.09
CA SER A 152 6.45 -8.07 9.49
C SER A 152 7.57 -8.64 10.36
N PRO A 153 8.63 -9.15 9.73
CA PRO A 153 9.73 -9.71 10.52
C PRO A 153 10.39 -8.66 11.41
N GLY A 154 10.20 -7.39 11.05
CA GLY A 154 10.78 -6.32 11.84
C GLY A 154 10.15 -6.19 13.21
N ARG A 155 8.83 -6.24 13.28
CA ARG A 155 8.14 -6.12 14.55
C ARG A 155 8.39 -7.31 15.49
N THR A 156 8.64 -8.48 14.93
CA THR A 156 8.88 -9.64 15.78
C THR A 156 10.31 -9.63 16.32
N LEU A 157 11.28 -9.40 15.44
CA LEU A 157 12.69 -9.39 15.82
C LEU A 157 13.15 -8.06 16.39
N GLY A 158 12.52 -6.97 15.97
CA GLY A 158 12.91 -5.66 16.44
C GLY A 158 13.70 -4.89 15.39
N SER B 1 -1.41 6.47 1.51
CA SER B 1 -2.52 6.14 0.56
C SER B 1 -3.77 6.95 0.84
N ASN B 2 -4.47 7.33 -0.22
CA ASN B 2 -5.70 8.10 -0.10
C ASN B 2 -6.82 7.28 -0.72
N SER B 3 -8.05 7.55 -0.30
CA SER B 3 -9.19 6.86 -0.84
C SER B 3 -10.42 7.74 -0.69
N TRP B 4 -11.16 7.89 -1.79
CA TRP B 4 -12.38 8.70 -1.79
C TRP B 4 -13.50 7.99 -2.54
N ALA B 5 -14.72 8.17 -2.03
CA ALA B 5 -15.89 7.60 -2.65
C ALA B 5 -16.99 8.66 -2.46
N VAL B 6 -17.54 9.13 -3.58
CA VAL B 6 -18.58 10.16 -3.54
C VAL B 6 -19.95 9.61 -3.94
N ALA B 7 -20.96 9.93 -3.14
CA ALA B 7 -22.33 9.47 -3.40
C ALA B 7 -22.92 10.36 -4.50
N PRO B 8 -23.88 9.82 -5.27
CA PRO B 8 -24.53 10.57 -6.35
C PRO B 8 -25.03 11.96 -5.95
N GLY B 9 -25.68 12.03 -4.80
CA GLY B 9 -26.22 13.29 -4.32
C GLY B 9 -25.19 14.40 -4.16
N LYS B 10 -23.92 14.03 -4.05
CA LYS B 10 -22.86 15.02 -3.87
C LYS B 10 -22.17 15.37 -5.20
N THR B 11 -22.67 14.80 -6.30
CA THR B 11 -22.07 15.06 -7.60
C THR B 11 -23.03 15.81 -8.53
N ALA B 12 -22.50 16.31 -9.63
CA ALA B 12 -23.31 17.03 -10.60
C ALA B 12 -24.13 16.12 -11.52
N ASN B 13 -23.51 15.07 -12.05
CA ASN B 13 -24.22 14.17 -12.94
C ASN B 13 -25.00 13.05 -12.26
N GLY B 14 -24.83 12.90 -10.95
CA GLY B 14 -25.57 11.88 -10.24
C GLY B 14 -24.97 10.48 -10.26
N ASN B 15 -23.70 10.36 -10.63
CA ASN B 15 -23.01 9.06 -10.65
C ASN B 15 -21.91 9.05 -9.58
N ALA B 16 -21.75 7.92 -8.91
CA ALA B 16 -20.74 7.78 -7.87
C ALA B 16 -19.34 8.03 -8.42
N LEU B 17 -18.44 8.47 -7.54
CA LEU B 17 -17.06 8.77 -7.92
C LEU B 17 -16.12 8.03 -6.98
N LEU B 18 -15.03 7.49 -7.52
CA LEU B 18 -14.06 6.73 -6.74
C LEU B 18 -12.62 7.09 -7.08
N LEU B 19 -11.79 7.18 -6.04
CA LEU B 19 -10.38 7.47 -6.21
C LEU B 19 -9.53 6.33 -5.67
N GLN B 20 -8.63 5.81 -6.51
CA GLN B 20 -7.72 4.73 -6.12
C GLN B 20 -6.39 5.48 -6.04
N ASN B 21 -5.80 5.52 -4.85
CA ASN B 21 -4.58 6.29 -4.64
C ASN B 21 -3.63 5.66 -3.62
N PRO B 22 -3.18 4.41 -3.85
CA PRO B 22 -2.27 3.75 -2.91
C PRO B 22 -0.84 4.32 -2.93
N HIS B 23 -0.26 4.49 -1.73
CA HIS B 23 1.10 5.00 -1.62
C HIS B 23 2.05 3.91 -1.14
N LEU B 24 3.05 3.59 -1.96
CA LEU B 24 4.03 2.55 -1.62
C LEU B 24 5.39 2.90 -2.20
N SER B 25 6.42 2.17 -1.77
CA SER B 25 7.77 2.38 -2.25
C SER B 25 7.85 2.23 -3.76
N TRP B 26 8.67 3.07 -4.38
CA TRP B 26 8.86 3.05 -5.81
C TRP B 26 9.88 1.99 -6.20
N THR B 27 10.62 1.47 -5.22
CA THR B 27 11.64 0.47 -5.53
C THR B 27 11.47 -0.94 -4.97
N THR B 28 10.83 -1.11 -3.81
CA THR B 28 10.67 -2.46 -3.26
C THR B 28 9.91 -3.33 -4.27
N ASP B 29 10.52 -4.43 -4.69
CA ASP B 29 9.91 -5.29 -5.69
C ASP B 29 8.49 -5.80 -5.44
N TYR B 30 8.23 -6.35 -4.26
CA TYR B 30 6.89 -6.87 -4.00
C TYR B 30 5.84 -5.79 -3.80
N PHE B 31 6.24 -4.53 -3.89
CA PHE B 31 5.29 -3.42 -3.72
C PHE B 31 4.98 -2.75 -5.07
N THR B 32 5.54 -3.30 -6.15
CA THR B 32 5.31 -2.75 -7.48
C THR B 32 3.93 -3.08 -8.02
N TYR B 33 3.17 -2.06 -8.40
CA TYR B 33 1.84 -2.27 -8.93
C TYR B 33 1.88 -2.48 -10.44
N TYR B 34 0.88 -3.23 -10.93
CA TYR B 34 0.77 -3.55 -12.35
C TYR B 34 -0.64 -3.22 -12.80
N GLU B 35 -0.77 -2.66 -14.00
CA GLU B 35 -2.07 -2.29 -14.54
C GLU B 35 -2.48 -3.33 -15.57
N ALA B 36 -3.71 -3.82 -15.47
CA ALA B 36 -4.19 -4.83 -16.40
C ALA B 36 -5.69 -4.75 -16.61
N HIS B 37 -6.18 -5.48 -17.62
CA HIS B 37 -7.59 -5.50 -17.96
C HIS B 37 -7.96 -6.93 -18.36
N LEU B 38 -8.88 -7.54 -17.62
CA LEU B 38 -9.31 -8.91 -17.89
C LEU B 38 -10.76 -8.97 -18.36
N VAL B 39 -10.99 -9.71 -19.44
CA VAL B 39 -12.35 -9.84 -19.97
C VAL B 39 -12.68 -11.27 -20.42
N THR B 40 -13.78 -11.78 -19.89
CA THR B 40 -14.27 -13.11 -20.23
C THR B 40 -15.76 -12.88 -20.46
N PRO B 41 -16.47 -13.89 -20.98
CA PRO B 41 -17.90 -13.72 -21.21
C PRO B 41 -18.73 -13.41 -19.96
N ASP B 42 -18.22 -13.79 -18.80
CA ASP B 42 -18.95 -13.59 -17.56
C ASP B 42 -18.51 -12.48 -16.62
N PHE B 43 -17.39 -11.81 -16.92
CA PHE B 43 -16.92 -10.74 -16.05
C PHE B 43 -15.86 -9.85 -16.71
N GLU B 44 -15.66 -8.68 -16.13
CA GLU B 44 -14.67 -7.74 -16.61
C GLU B 44 -14.07 -7.03 -15.41
N ILE B 45 -12.75 -6.87 -15.42
CA ILE B 45 -12.05 -6.21 -14.32
C ILE B 45 -10.87 -5.39 -14.86
N TYR B 46 -10.74 -4.17 -14.40
CA TYR B 46 -9.67 -3.30 -14.82
C TYR B 46 -9.03 -2.78 -13.55
N GLY B 47 -7.71 -2.59 -13.56
CA GLY B 47 -7.07 -2.08 -12.36
C GLY B 47 -5.63 -2.48 -12.12
N ALA B 48 -5.13 -2.09 -10.95
CA ALA B 48 -3.76 -2.36 -10.55
C ALA B 48 -3.67 -3.34 -9.39
N THR B 49 -2.52 -4.00 -9.27
CA THR B 49 -2.33 -4.95 -8.19
C THR B 49 -0.83 -5.21 -8.04
N GLN B 50 -0.41 -5.71 -6.88
CA GLN B 50 1.01 -5.98 -6.70
C GLN B 50 1.45 -7.11 -7.62
N ILE B 51 2.63 -6.98 -8.22
CA ILE B 51 3.12 -8.01 -9.13
C ILE B 51 3.14 -9.39 -8.45
N GLY B 52 2.64 -10.39 -9.15
CA GLY B 52 2.61 -11.72 -8.59
C GLY B 52 1.23 -12.13 -8.09
N LEU B 53 0.36 -11.16 -7.87
CA LEU B 53 -0.99 -11.47 -7.42
C LEU B 53 -1.84 -11.78 -8.66
N PRO B 54 -2.54 -12.92 -8.66
CA PRO B 54 -3.38 -13.33 -9.79
C PRO B 54 -4.73 -12.61 -9.80
N VAL B 55 -4.92 -11.71 -8.85
CA VAL B 55 -6.17 -10.96 -8.72
C VAL B 55 -5.90 -9.45 -8.56
N ILE B 56 -6.79 -8.64 -9.12
CA ILE B 56 -6.64 -7.19 -9.05
C ILE B 56 -7.21 -6.57 -7.77
N ARG B 57 -6.32 -6.11 -6.90
CA ARG B 57 -6.77 -5.50 -5.64
C ARG B 57 -7.43 -4.13 -5.82
N PHE B 58 -6.90 -3.30 -6.72
CA PHE B 58 -7.50 -1.98 -6.97
C PHE B 58 -8.23 -2.11 -8.29
N ALA B 59 -9.48 -2.55 -8.22
CA ALA B 59 -10.26 -2.77 -9.42
C ALA B 59 -11.56 -2.01 -9.56
N PHE B 60 -12.04 -1.98 -10.80
CA PHE B 60 -13.31 -1.35 -11.15
C PHE B 60 -13.69 -1.89 -12.53
N ASN B 61 -14.97 -1.79 -12.86
CA ASN B 61 -15.45 -2.24 -14.16
C ASN B 61 -16.64 -1.35 -14.47
N GLN B 62 -17.57 -1.83 -15.29
CA GLN B 62 -18.73 -1.02 -15.64
C GLN B 62 -19.74 -0.90 -14.49
N ARG B 63 -19.66 -1.79 -13.51
CA ARG B 63 -20.63 -1.76 -12.41
C ARG B 63 -20.17 -1.28 -11.04
N GLY B 65 -16.41 -0.79 -8.14
CA GLY B 65 -14.98 -0.59 -8.00
C GLY B 65 -14.58 -0.42 -6.55
N ILE B 66 -13.33 -0.76 -6.21
CA ILE B 66 -12.86 -0.61 -4.84
C ILE B 66 -11.43 -0.07 -4.78
N THR B 67 -10.97 0.22 -3.58
CA THR B 67 -9.61 0.72 -3.40
C THR B 67 -9.15 0.32 -2.00
N ASN B 68 -7.85 0.44 -1.73
CA ASN B 68 -7.32 0.02 -0.44
C ASN B 68 -6.30 0.98 0.16
N THR B 69 -6.34 1.13 1.49
CA THR B 69 -5.36 1.93 2.20
C THR B 69 -4.98 1.05 3.37
N VAL B 70 -3.88 1.39 4.04
CA VAL B 70 -3.40 0.62 5.17
C VAL B 70 -4.05 1.05 6.48
N ASN B 71 -4.61 0.11 7.22
CA ASN B 71 -5.24 0.43 8.52
C ASN B 71 -4.44 -0.18 9.67
N GLY B 72 -3.42 -0.95 9.31
CA GLY B 72 -2.55 -1.58 10.30
C GLY B 72 -3.19 -2.55 11.26
N VAL B 74 -3.94 -4.89 13.82
CA VAL B 74 -3.02 -5.63 14.67
C VAL B 74 -3.44 -7.09 14.68
N GLY B 75 -3.11 -7.81 13.61
CA GLY B 75 -3.50 -9.20 13.48
C GLY B 75 -2.53 -10.24 14.03
N ALA B 76 -1.49 -9.78 14.72
CA ALA B 76 -0.52 -10.70 15.29
C ALA B 76 -0.11 -10.20 16.67
N THR B 77 0.45 -11.09 17.48
CA THR B 77 0.89 -10.71 18.81
C THR B 77 2.28 -11.24 19.06
N ASN B 78 3.15 -10.39 19.58
CA ASN B 78 4.51 -10.80 19.90
C ASN B 78 4.53 -11.00 21.41
N TYR B 79 4.77 -12.22 21.84
CA TYR B 79 4.81 -12.52 23.26
C TYR B 79 6.23 -12.66 23.77
N ARG B 80 6.49 -12.07 24.94
CA ARG B 80 7.80 -12.16 25.57
C ARG B 80 7.76 -13.42 26.41
N LEU B 81 8.67 -14.35 26.14
CA LEU B 81 8.69 -15.60 26.89
C LEU B 81 9.62 -15.51 28.08
N THR B 82 9.29 -16.27 29.12
CA THR B 82 10.12 -16.33 30.31
C THR B 82 10.76 -17.70 30.28
N LEU B 83 11.98 -17.76 29.74
CA LEU B 83 12.68 -19.03 29.65
C LEU B 83 13.02 -19.55 31.04
N GLN B 84 12.99 -20.87 31.20
CA GLN B 84 13.32 -21.51 32.46
C GLN B 84 13.36 -23.02 32.35
N ASP B 85 14.50 -23.60 32.71
CA ASP B 85 14.68 -25.04 32.68
C ASP B 85 14.42 -25.68 31.32
N GLY B 86 15.10 -25.19 30.29
CA GLY B 86 14.92 -25.76 28.96
C GLY B 86 13.58 -25.47 28.31
N GLY B 87 12.65 -24.92 29.09
CA GLY B 87 11.34 -24.59 28.56
C GLY B 87 11.01 -23.13 28.80
N TYR B 88 9.72 -22.85 29.01
CA TYR B 88 9.25 -21.49 29.27
C TYR B 88 8.15 -21.55 30.32
N LEU B 89 8.16 -20.59 31.24
CA LEU B 89 7.17 -20.55 32.31
C LEU B 89 5.79 -20.12 31.78
N TYR B 90 4.78 -20.96 32.02
CA TYR B 90 3.43 -20.66 31.55
C TYR B 90 2.43 -21.07 32.64
N ASP B 91 1.62 -20.11 33.08
CA ASP B 91 0.64 -20.36 34.13
C ASP B 91 1.25 -21.05 35.36
N GLY B 92 2.35 -20.50 35.84
CA GLY B 92 2.99 -21.05 37.02
C GLY B 92 3.84 -22.30 36.84
N GLN B 93 3.70 -22.96 35.69
CA GLN B 93 4.47 -24.18 35.44
C GLN B 93 5.38 -24.07 34.22
N VAL B 94 6.47 -24.83 34.24
CA VAL B 94 7.43 -24.83 33.14
C VAL B 94 6.98 -25.77 32.02
N ARG B 95 6.58 -25.19 30.89
CA ARG B 95 6.14 -25.96 29.73
C ARG B 95 7.30 -26.23 28.76
N PRO B 96 7.29 -27.41 28.12
CA PRO B 96 8.38 -27.71 27.18
C PRO B 96 8.03 -27.10 25.82
N PHE B 97 9.04 -26.85 25.00
CA PHE B 97 8.81 -26.29 23.67
C PHE B 97 8.56 -27.41 22.67
N GLU B 98 7.91 -27.08 21.56
CA GLU B 98 7.70 -28.06 20.49
C GLU B 98 8.98 -27.83 19.68
N ARG B 99 9.68 -28.89 19.33
CA ARG B 99 10.91 -28.73 18.56
C ARG B 99 10.92 -29.60 17.31
N ARG B 100 11.26 -28.98 16.19
CA ARG B 100 11.33 -29.67 14.93
C ARG B 100 12.66 -29.32 14.30
N GLN B 101 13.42 -30.34 13.88
CA GLN B 101 14.72 -30.11 13.27
C GLN B 101 14.57 -30.04 11.76
N ALA B 102 14.63 -28.83 11.20
CA ALA B 102 14.50 -28.64 9.77
C ALA B 102 15.84 -28.16 9.19
N SER B 103 15.88 -27.94 7.89
CA SER B 103 17.11 -27.48 7.25
C SER B 103 16.83 -26.86 5.90
N TYR B 104 17.79 -26.10 5.39
CA TYR B 104 17.67 -25.45 4.10
C TYR B 104 19.07 -25.31 3.50
N ARG B 105 19.14 -25.11 2.20
CA ARG B 105 20.42 -24.96 1.50
C ARG B 105 20.80 -23.50 1.30
N LEU B 106 22.08 -23.21 1.52
CA LEU B 106 22.61 -21.86 1.35
C LEU B 106 23.59 -21.88 0.18
N ARG B 107 23.31 -21.09 -0.85
CA ARG B 107 24.19 -21.05 -2.00
C ARG B 107 25.54 -20.45 -1.64
N GLN B 108 26.61 -21.07 -2.12
CA GLN B 108 27.97 -20.60 -1.87
C GLN B 108 28.47 -19.74 -3.02
N ALA B 109 29.44 -18.89 -2.72
CA ALA B 109 30.02 -18.00 -3.73
C ALA B 109 30.57 -18.75 -4.93
N ASP B 110 30.81 -20.05 -4.78
CA ASP B 110 31.33 -20.86 -5.88
C ASP B 110 30.25 -21.61 -6.65
N GLY B 111 28.99 -21.41 -6.26
CA GLY B 111 27.90 -22.07 -6.96
C GLY B 111 27.28 -23.26 -6.23
N SER B 112 28.03 -23.88 -5.34
CA SER B 112 27.53 -25.02 -4.59
C SER B 112 26.61 -24.54 -3.47
N THR B 113 26.01 -25.49 -2.76
CA THR B 113 25.12 -25.16 -1.66
C THR B 113 25.43 -25.99 -0.44
N VAL B 114 25.61 -25.32 0.69
CA VAL B 114 25.88 -26.01 1.94
C VAL B 114 24.55 -26.26 2.62
N ASP B 115 24.44 -27.39 3.31
CA ASP B 115 23.21 -27.73 4.01
C ASP B 115 23.29 -27.13 5.41
N LYS B 116 22.33 -26.29 5.76
CA LYS B 116 22.32 -25.66 7.08
C LYS B 116 21.15 -26.05 7.96
N PRO B 117 21.42 -26.46 9.20
CA PRO B 117 20.41 -26.88 10.17
C PRO B 117 19.58 -25.70 10.64
N LEU B 118 18.28 -25.93 10.82
CA LEU B 118 17.38 -24.90 11.30
C LEU B 118 16.38 -25.51 12.26
N GLU B 119 16.51 -25.16 13.53
CA GLU B 119 15.58 -25.68 14.53
C GLU B 119 14.40 -24.73 14.66
N ILE B 120 13.20 -25.29 14.70
CA ILE B 120 12.01 -24.47 14.84
C ILE B 120 11.29 -24.80 16.14
N ARG B 121 11.44 -23.92 17.13
CA ARG B 121 10.80 -24.11 18.42
C ARG B 121 9.49 -23.33 18.43
N SER B 122 8.46 -23.92 19.04
CA SER B 122 7.17 -23.26 19.12
C SER B 122 6.60 -23.40 20.52
N SER B 123 5.89 -22.37 20.97
CA SER B 123 5.26 -22.39 22.27
C SER B 123 3.79 -22.54 21.94
N VAL B 124 2.94 -22.59 22.95
CA VAL B 124 1.50 -22.71 22.72
C VAL B 124 1.08 -21.50 21.89
N HIS B 125 1.88 -20.43 21.99
CA HIS B 125 1.63 -19.18 21.28
C HIS B 125 1.88 -19.30 19.78
N GLY B 126 3.10 -19.73 19.43
CA GLY B 126 3.49 -19.89 18.04
C GLY B 126 4.99 -20.01 17.91
N PRO B 127 5.54 -19.81 16.70
CA PRO B 127 6.99 -19.90 16.46
C PRO B 127 7.76 -18.96 17.38
N VAL B 128 8.94 -19.40 17.81
CA VAL B 128 9.76 -18.59 18.70
C VAL B 128 11.03 -18.09 18.03
N PHE B 129 11.34 -16.81 18.26
CA PHE B 129 12.54 -16.18 17.72
C PHE B 129 13.30 -15.53 18.87
N GLU B 130 14.60 -15.39 18.72
CA GLU B 130 15.40 -14.75 19.74
C GLU B 130 15.95 -13.44 19.18
N ARG B 131 15.52 -12.32 19.74
CA ARG B 131 16.00 -11.02 19.27
C ARG B 131 17.49 -10.87 19.54
N ALA B 132 18.12 -9.91 18.87
CA ALA B 132 19.56 -9.68 19.03
C ALA B 132 19.93 -9.45 20.49
N ASP B 133 19.03 -8.80 21.26
CA ASP B 133 19.29 -8.52 22.66
C ASP B 133 19.11 -9.73 23.58
N GLY B 134 18.59 -10.83 23.04
CA GLY B 134 18.40 -12.01 23.86
C GLY B 134 16.96 -12.30 24.27
N THR B 135 16.04 -11.42 23.91
CA THR B 135 14.63 -11.63 24.26
C THR B 135 14.02 -12.73 23.40
N ALA B 136 13.44 -13.74 24.06
CA ALA B 136 12.78 -14.84 23.36
C ALA B 136 11.36 -14.42 23.06
N VAL B 137 11.02 -14.32 21.78
CA VAL B 137 9.69 -13.88 21.39
C VAL B 137 8.93 -14.94 20.59
N ALA B 138 7.64 -15.08 20.88
CA ALA B 138 6.82 -16.04 20.17
C ALA B 138 5.78 -15.21 19.42
N VAL B 139 5.65 -15.45 18.13
CA VAL B 139 4.69 -14.69 17.34
C VAL B 139 3.47 -15.54 16.99
N ARG B 140 2.30 -15.03 17.33
CA ARG B 140 1.03 -15.68 17.09
C ARG B 140 0.30 -14.87 16.04
N VAL B 141 0.14 -15.46 14.86
CA VAL B 141 -0.51 -14.76 13.76
C VAL B 141 -1.94 -15.25 13.54
N ALA B 142 -2.88 -14.32 13.62
CA ALA B 142 -4.30 -14.65 13.43
C ALA B 142 -4.61 -14.87 11.97
N GLY B 143 -5.67 -15.64 11.70
CA GLY B 143 -6.09 -15.90 10.34
C GLY B 143 -5.25 -16.85 9.50
N LEU B 144 -4.43 -17.68 10.13
CA LEU B 144 -3.61 -18.64 9.39
C LEU B 144 -4.49 -19.73 8.76
N ASP B 145 -5.76 -19.76 9.15
CA ASP B 145 -6.70 -20.76 8.64
C ASP B 145 -7.69 -20.17 7.64
N ARG B 146 -7.31 -19.04 7.03
CA ARG B 146 -8.15 -18.39 6.02
C ARG B 146 -7.42 -18.49 4.68
N PRO B 147 -7.64 -19.58 3.93
CA PRO B 147 -6.99 -19.80 2.64
C PRO B 147 -7.64 -19.09 1.47
N GLY B 148 -8.82 -18.51 1.68
CA GLY B 148 -9.52 -17.84 0.60
C GLY B 148 -9.31 -16.36 0.34
N LEU B 150 -7.26 -14.77 -1.93
CA LEU B 150 -7.34 -14.50 -3.36
C LEU B 150 -8.74 -14.61 -3.96
N GLU B 151 -9.50 -15.63 -3.57
CA GLU B 151 -10.83 -15.78 -4.12
C GLU B 151 -11.80 -14.74 -3.54
N GLN B 152 -11.55 -14.27 -2.32
CA GLN B 152 -12.45 -13.26 -1.76
C GLN B 152 -12.31 -11.99 -2.59
N TYR B 153 -11.07 -11.57 -2.85
CA TYR B 153 -10.87 -10.38 -3.67
C TYR B 153 -11.50 -10.60 -5.04
N PHE B 154 -11.36 -11.80 -5.57
CA PHE B 154 -11.93 -12.09 -6.88
C PHE B 154 -13.46 -11.98 -6.87
N ASP B 155 -14.09 -12.49 -5.81
CA ASP B 155 -15.54 -12.41 -5.72
C ASP B 155 -16.02 -11.00 -5.38
N ILE B 157 -14.57 -8.10 -6.33
CA ILE B 157 -14.50 -7.28 -7.53
C ILE B 157 -15.37 -7.70 -8.69
N THR B 158 -15.99 -8.87 -8.60
CA THR B 158 -16.87 -9.35 -9.66
C THR B 158 -18.32 -9.39 -9.17
N ALA B 159 -18.53 -8.89 -7.96
CA ALA B 159 -19.86 -8.85 -7.35
C ALA B 159 -20.86 -8.10 -8.22
N HIS B 160 -22.10 -8.57 -8.23
CA HIS B 160 -23.15 -7.94 -9.02
C HIS B 160 -23.99 -6.94 -8.24
N SER B 161 -23.71 -6.79 -6.96
CA SER B 161 -24.43 -5.87 -6.11
C SER B 161 -23.66 -5.64 -4.82
N PHE B 162 -24.00 -4.59 -4.10
CA PHE B 162 -23.32 -4.32 -2.85
C PHE B 162 -23.54 -5.51 -1.93
N ASP B 163 -24.76 -6.05 -1.93
CA ASP B 163 -25.08 -7.20 -1.08
C ASP B 163 -24.13 -8.37 -1.28
N ASP B 164 -23.93 -8.78 -2.53
CA ASP B 164 -23.02 -9.88 -2.80
C ASP B 164 -21.62 -9.48 -2.34
N TYR B 165 -21.25 -8.23 -2.64
CA TYR B 165 -19.94 -7.70 -2.26
C TYR B 165 -19.70 -7.91 -0.77
N GLU B 166 -20.61 -7.42 0.06
CA GLU B 166 -20.47 -7.55 1.51
C GLU B 166 -20.38 -9.00 1.92
N ALA B 167 -21.23 -9.83 1.31
CA ALA B 167 -21.26 -11.24 1.61
C ALA B 167 -19.87 -11.82 1.43
N ALA B 168 -19.20 -11.41 0.35
CA ALA B 168 -17.85 -11.91 0.09
C ALA B 168 -16.90 -11.40 1.16
N ALA B 170 -17.60 -10.64 4.11
CA ALA B 170 -17.96 -11.29 5.37
C ALA B 170 -17.28 -12.64 5.64
N ARG B 171 -16.61 -13.19 4.63
CA ARG B 171 -15.92 -14.47 4.78
C ARG B 171 -14.66 -14.28 5.62
N GLN B 173 -11.53 -13.42 4.85
CA GLN B 173 -10.33 -14.08 4.35
C GLN B 173 -9.21 -13.07 4.02
N VAL B 174 -9.54 -11.78 3.97
CA VAL B 174 -8.54 -10.74 3.72
C VAL B 174 -8.23 -10.19 5.11
N PRO B 175 -7.05 -10.51 5.65
CA PRO B 175 -6.56 -10.11 6.98
C PRO B 175 -6.34 -8.65 7.36
N THR B 176 -6.38 -7.72 6.39
CA THR B 176 -6.13 -6.33 6.74
C THR B 176 -6.63 -5.35 5.69
N PHE B 177 -6.30 -4.08 5.89
CA PHE B 177 -6.67 -2.99 4.98
C PHE B 177 -7.99 -2.30 5.20
N ASN B 178 -8.02 -1.02 4.84
CA ASN B 178 -9.24 -0.22 4.88
C ASN B 178 -9.68 -0.42 3.44
N ILE B 179 -10.96 -0.66 3.20
CA ILE B 179 -11.42 -0.85 1.82
C ILE B 179 -12.63 0.03 1.53
N VAL B 180 -12.58 0.72 0.39
CA VAL B 180 -13.64 1.63 -0.05
C VAL B 180 -14.29 1.11 -1.33
N TYR B 181 -15.62 1.21 -1.38
CA TYR B 181 -16.43 0.70 -2.49
C TYR B 181 -17.36 1.77 -3.08
N ALA B 182 -17.75 1.57 -4.34
CA ALA B 182 -18.66 2.47 -5.02
C ALA B 182 -19.14 1.77 -6.29
N ASP B 183 -20.42 1.96 -6.63
CA ASP B 183 -20.98 1.32 -7.83
C ASP B 183 -21.92 2.22 -8.64
N ARG B 184 -22.35 1.70 -9.79
CA ARG B 184 -23.24 2.43 -10.67
C ARG B 184 -24.64 2.54 -10.09
N GLU B 185 -24.90 1.79 -9.02
CA GLU B 185 -26.21 1.83 -8.38
C GLU B 185 -26.31 3.03 -7.44
N GLY B 186 -25.16 3.58 -7.06
CA GLY B 186 -25.17 4.75 -6.19
C GLY B 186 -24.72 4.51 -4.76
N THR B 187 -24.24 3.31 -4.46
CA THR B 187 -23.79 3.00 -3.11
C THR B 187 -22.30 3.21 -2.94
N ILE B 188 -21.92 3.78 -1.80
CA ILE B 188 -20.51 4.00 -1.47
C ILE B 188 -20.33 3.39 -0.09
N ASN B 189 -19.13 2.87 0.17
CA ASN B 189 -18.87 2.23 1.45
C ASN B 189 -17.43 2.27 1.92
N TYR B 190 -17.25 2.35 3.24
CA TYR B 190 -15.94 2.33 3.86
C TYR B 190 -15.98 1.18 4.87
N SER B 191 -14.91 0.39 4.90
CA SER B 191 -14.82 -0.73 5.83
C SER B 191 -13.43 -0.90 6.43
N PHE B 192 -13.36 -0.86 7.75
CA PHE B 192 -12.10 -1.07 8.44
C PHE B 192 -12.01 -2.59 8.48
N ASN B 193 -11.49 -3.17 7.41
CA ASN B 193 -11.40 -4.64 7.31
C ASN B 193 -10.16 -5.29 7.90
N GLY B 194 -10.24 -6.60 8.11
CA GLY B 194 -9.12 -7.35 8.65
C GLY B 194 -9.54 -8.41 9.64
N VAL B 195 -8.61 -9.27 10.03
CA VAL B 195 -8.91 -10.30 11.01
C VAL B 195 -8.34 -9.87 12.36
N ALA B 196 -9.23 -9.46 13.26
CA ALA B 196 -8.84 -8.98 14.57
C ALA B 196 -9.14 -9.96 15.70
N PRO B 197 -8.12 -10.33 16.46
CA PRO B 197 -8.26 -11.26 17.59
C PRO B 197 -9.19 -10.69 18.66
N LYS B 198 -10.09 -11.51 19.17
CA LYS B 198 -11.01 -11.08 20.23
C LYS B 198 -10.23 -11.11 21.53
N ARG B 199 -10.23 -9.96 22.22
CA ARG B 199 -9.50 -9.83 23.48
C ARG B 199 -10.43 -9.25 24.54
N ALA B 200 -10.16 -9.57 25.80
CA ALA B 200 -10.99 -9.09 26.89
C ALA B 200 -10.39 -7.89 27.62
N GLU B 201 -9.16 -7.53 27.26
CA GLU B 201 -8.52 -6.40 27.90
C GLU B 201 -7.36 -5.85 27.08
N GLY B 202 -6.91 -4.65 27.43
CA GLY B 202 -5.80 -4.04 26.75
C GLY B 202 -6.19 -3.21 25.54
N ASP B 203 -5.56 -2.05 25.39
CA ASP B 203 -5.83 -1.20 24.25
C ASP B 203 -4.85 -1.60 23.16
N ILE B 204 -5.02 -1.03 21.98
CA ILE B 204 -4.17 -1.36 20.85
C ILE B 204 -2.68 -1.24 21.20
N ALA B 205 -2.31 -0.19 21.93
CA ALA B 205 -0.92 0.01 22.31
C ALA B 205 -0.40 -1.16 23.13
N PHE B 206 -1.24 -1.71 23.99
CA PHE B 206 -0.82 -2.85 24.79
C PHE B 206 -0.53 -4.05 23.89
N TRP B 207 -1.43 -4.29 22.94
CA TRP B 207 -1.26 -5.42 22.03
C TRP B 207 -0.23 -5.21 20.94
N GLN B 208 0.22 -3.96 20.76
CA GLN B 208 1.22 -3.65 19.75
C GLN B 208 2.61 -3.90 20.31
N GLY B 209 2.69 -4.04 21.62
CA GLY B 209 3.98 -4.29 22.25
C GLY B 209 4.14 -5.74 22.64
N ASN B 210 5.14 -6.02 23.48
CA ASN B 210 5.40 -7.37 23.94
C ASN B 210 4.40 -7.79 25.02
N VAL B 211 3.46 -8.66 24.67
CA VAL B 211 2.47 -9.13 25.61
C VAL B 211 3.12 -10.24 26.44
N PRO B 212 2.80 -10.32 27.74
CA PRO B 212 3.41 -11.37 28.57
C PRO B 212 3.07 -12.77 28.05
N GLY B 213 4.10 -13.57 27.79
CA GLY B 213 3.86 -14.92 27.28
C GLY B 213 3.99 -15.98 28.36
N ASP B 214 3.56 -15.65 29.57
CA ASP B 214 3.66 -16.57 30.69
C ASP B 214 2.30 -16.87 31.30
N SER B 215 1.24 -16.49 30.61
CA SER B 215 -0.11 -16.72 31.12
C SER B 215 -1.14 -16.96 30.03
N SER B 216 -2.02 -17.94 30.25
CA SER B 216 -3.08 -18.24 29.29
C SER B 216 -4.01 -17.05 29.21
N ARG B 217 -3.84 -16.13 30.16
CA ARG B 217 -4.66 -14.93 30.23
C ARG B 217 -4.60 -14.08 28.96
N TYR B 218 -3.49 -14.18 28.23
CA TYR B 218 -3.31 -13.39 27.02
C TYR B 218 -3.37 -14.20 25.73
N LEU B 219 -3.76 -15.46 25.83
CA LEU B 219 -3.84 -16.32 24.66
C LEU B 219 -5.21 -16.26 23.98
N TRP B 220 -5.38 -15.32 23.05
CA TRP B 220 -6.65 -15.22 22.34
C TRP B 220 -6.80 -16.42 21.40
N THR B 221 -8.03 -16.71 21.00
CA THR B 221 -8.28 -17.84 20.13
C THR B 221 -9.34 -17.56 19.08
N GLU B 222 -10.11 -16.49 19.27
CA GLU B 222 -11.16 -16.16 18.32
C GLU B 222 -10.95 -14.82 17.66
N THR B 223 -11.65 -14.61 16.55
CA THR B 223 -11.54 -13.38 15.81
C THR B 223 -12.92 -12.76 15.58
N HIS B 224 -12.93 -11.43 15.44
CA HIS B 224 -14.15 -10.66 15.22
C HIS B 224 -14.81 -10.86 13.86
N PRO B 225 -16.14 -10.87 13.83
CA PRO B 225 -16.89 -11.03 12.57
C PRO B 225 -16.87 -9.65 11.93
N LEU B 226 -17.21 -9.57 10.66
CA LEU B 226 -17.23 -8.29 9.96
C LEU B 226 -18.11 -7.24 10.65
N ASP B 227 -19.15 -7.68 11.34
CA ASP B 227 -20.06 -6.73 11.99
C ASP B 227 -19.52 -6.04 13.24
N ASP B 228 -18.36 -6.47 13.73
CA ASP B 228 -17.76 -5.84 14.90
C ASP B 228 -16.81 -4.72 14.48
N LEU B 229 -16.53 -4.64 13.19
CA LEU B 229 -15.60 -3.63 12.69
C LEU B 229 -16.24 -2.34 12.18
N PRO B 230 -15.56 -1.20 12.41
CA PRO B 230 -16.04 0.12 11.98
C PRO B 230 -16.36 0.13 10.50
N ARG B 231 -17.57 0.55 10.15
CA ARG B 231 -17.96 0.60 8.75
C ARG B 231 -18.94 1.71 8.47
N VAL B 232 -18.96 2.20 7.24
CA VAL B 232 -19.85 3.28 6.87
C VAL B 232 -20.44 3.03 5.48
N THR B 233 -21.75 3.22 5.35
CA THR B 233 -22.43 3.03 4.08
C THR B 233 -23.40 4.16 3.80
N ASN B 234 -23.32 4.76 2.62
CA ASN B 234 -24.20 5.87 2.24
C ASN B 234 -24.33 6.90 3.37
N PRO B 235 -23.19 7.42 3.86
CA PRO B 235 -23.52 8.34 5.10
C PRO B 235 -24.16 9.65 4.70
N PRO B 236 -24.72 10.39 5.66
CA PRO B 236 -25.37 11.68 5.41
C PRO B 236 -24.46 12.66 4.64
N GLY B 237 -23.16 12.58 4.91
CA GLY B 237 -22.22 13.46 4.23
C GLY B 237 -22.10 13.28 2.73
N GLY B 238 -22.42 12.09 2.23
CA GLY B 238 -22.32 11.86 0.80
C GLY B 238 -20.93 11.45 0.33
N PHE B 239 -20.11 10.96 1.26
CA PHE B 239 -18.76 10.54 0.91
C PHE B 239 -18.09 9.80 2.05
N VAL B 240 -17.06 9.05 1.70
CA VAL B 240 -16.25 8.35 2.69
C VAL B 240 -14.81 8.55 2.24
N GLN B 241 -13.89 8.42 3.17
CA GLN B 241 -12.49 8.63 2.84
C GLN B 241 -11.58 8.05 3.91
N ASN B 242 -10.35 7.78 3.51
CA ASN B 242 -9.33 7.31 4.43
C ASN B 242 -7.97 7.58 3.81
N SER B 243 -7.09 8.14 4.63
CA SER B 243 -5.74 8.48 4.21
C SER B 243 -4.75 7.94 5.22
N ASN B 244 -5.03 6.72 5.70
CA ASN B 244 -4.19 6.04 6.68
C ASN B 244 -4.46 6.52 8.09
N ASP B 245 -5.35 7.50 8.22
CA ASP B 245 -5.72 8.04 9.51
C ASP B 245 -6.62 7.04 10.23
N PRO B 246 -6.66 7.09 11.57
CA PRO B 246 -7.52 6.15 12.30
C PRO B 246 -8.94 6.32 11.76
N PRO B 247 -9.75 5.26 11.76
CA PRO B 247 -11.13 5.24 11.26
C PRO B 247 -12.16 6.14 11.95
N TRP B 248 -11.72 7.24 12.53
CA TRP B 248 -12.65 8.10 13.26
C TRP B 248 -13.25 9.29 12.51
N THR B 249 -12.78 9.54 11.30
CA THR B 249 -13.33 10.62 10.47
C THR B 249 -13.46 10.06 9.04
N PRO B 250 -14.10 8.89 8.91
CA PRO B 250 -14.29 8.25 7.60
C PRO B 250 -15.25 9.06 6.73
N THR B 251 -16.00 9.93 7.38
CA THR B 251 -16.96 10.78 6.70
C THR B 251 -17.28 11.95 7.62
N TRP B 252 -18.03 12.92 7.11
CA TRP B 252 -18.37 14.11 7.89
C TRP B 252 -19.78 14.53 7.50
N PRO B 253 -20.71 14.55 8.46
CA PRO B 253 -20.56 14.20 9.88
C PRO B 253 -20.25 12.71 10.12
N VAL B 254 -19.62 12.41 11.25
CA VAL B 254 -19.30 11.03 11.56
C VAL B 254 -20.57 10.22 11.84
N THR B 255 -20.44 8.89 11.79
CA THR B 255 -21.55 7.98 12.03
C THR B 255 -21.28 7.11 13.25
N TYR B 256 -20.18 7.37 13.95
CA TYR B 256 -19.81 6.63 15.15
C TYR B 256 -18.60 7.29 15.77
N CYS B 257 -18.11 6.74 16.88
CA CYS B 257 -16.93 7.30 17.54
C CYS B 257 -16.16 6.20 18.26
N PRO B 258 -14.90 6.48 18.64
CA PRO B 258 -14.06 5.50 19.34
C PRO B 258 -14.77 4.64 20.40
N ALA B 259 -15.59 5.26 21.23
CA ALA B 259 -16.30 4.54 22.29
C ALA B 259 -17.14 3.37 21.78
N ASN B 260 -17.56 3.43 20.53
CA ASN B 260 -18.39 2.38 19.95
C ASN B 260 -17.69 1.09 19.57
N HIS B 261 -16.36 1.04 19.72
CA HIS B 261 -15.61 -0.15 19.36
C HIS B 261 -14.56 -0.50 20.40
N PRO B 262 -14.11 -1.77 20.44
CA PRO B 262 -13.09 -2.14 21.42
C PRO B 262 -11.83 -1.33 21.13
N SER B 263 -11.15 -0.90 22.18
CA SER B 263 -9.98 -0.04 22.07
C SER B 263 -8.73 -0.62 21.42
N TYR B 264 -8.74 -1.90 21.07
CA TYR B 264 -7.55 -2.48 20.47
C TYR B 264 -7.66 -2.58 18.93
N LEU B 265 -8.78 -2.13 18.38
CA LEU B 265 -8.96 -2.19 16.93
C LEU B 265 -8.04 -1.23 16.16
N ALA B 266 -8.13 0.04 16.48
CA ALA B 266 -7.32 1.06 15.82
C ALA B 266 -6.82 2.10 16.82
N PRO B 267 -5.87 2.94 16.41
CA PRO B 267 -5.37 3.94 17.35
C PRO B 267 -6.33 5.12 17.46
N GLN B 268 -6.05 6.00 18.42
CA GLN B 268 -6.84 7.20 18.64
C GLN B 268 -5.86 8.36 18.71
N THR B 269 -4.92 8.36 17.77
CA THR B 269 -3.89 9.37 17.67
C THR B 269 -4.27 10.51 16.72
N PRO B 270 -3.57 11.65 16.82
CA PRO B 270 -3.83 12.82 15.97
C PRO B 270 -3.78 12.46 14.48
N HIS B 271 -4.78 12.90 13.71
CA HIS B 271 -4.81 12.61 12.29
C HIS B 271 -3.79 13.48 11.54
N SER B 272 -3.06 12.86 10.61
CA SER B 272 -2.06 13.57 9.82
C SER B 272 -2.74 14.75 9.12
N LEU B 273 -1.94 15.73 8.70
CA LEU B 273 -2.48 16.91 8.03
C LEU B 273 -3.03 16.55 6.66
N ARG B 274 -2.43 15.54 6.03
CA ARG B 274 -2.92 15.09 4.73
C ARG B 274 -4.33 14.54 4.96
N ALA B 275 -4.47 13.71 5.98
CA ALA B 275 -5.77 13.13 6.30
C ALA B 275 -6.81 14.23 6.50
N GLN B 276 -6.41 15.32 7.15
CA GLN B 276 -7.31 16.43 7.38
C GLN B 276 -7.68 17.10 6.06
N GLN B 277 -6.70 17.34 5.19
CA GLN B 277 -6.97 17.94 3.89
C GLN B 277 -8.03 17.08 3.19
N SER B 278 -7.87 15.76 3.33
CA SER B 278 -8.77 14.80 2.71
C SER B 278 -10.23 15.03 3.12
N VAL B 279 -10.47 15.20 4.41
CA VAL B 279 -11.82 15.41 4.91
C VAL B 279 -12.36 16.76 4.45
N ARG B 280 -11.48 17.77 4.42
CA ARG B 280 -11.87 19.10 3.98
C ARG B 280 -12.20 19.15 2.50
N LEU B 281 -11.31 18.62 1.67
CA LEU B 281 -11.52 18.62 0.23
C LEU B 281 -12.84 18.01 -0.20
N SER B 283 -15.78 17.21 2.06
CA SER B 283 -16.92 17.85 2.72
C SER B 283 -17.18 19.29 2.27
N GLU B 284 -16.12 20.04 2.01
CA GLU B 284 -16.26 21.42 1.60
C GLU B 284 -16.72 21.62 0.16
N ASN B 285 -16.74 20.55 -0.63
CA ASN B 285 -17.13 20.67 -2.02
C ASN B 285 -18.38 19.87 -2.33
N ASP B 286 -19.22 20.45 -3.18
CA ASP B 286 -20.48 19.85 -3.55
C ASP B 286 -20.64 19.91 -5.06
N ASP B 287 -21.60 19.16 -5.60
CA ASP B 287 -21.87 19.17 -7.02
C ASP B 287 -20.61 18.90 -7.84
N LEU B 288 -19.79 17.95 -7.37
CA LEU B 288 -18.54 17.59 -8.04
C LEU B 288 -18.68 16.94 -9.41
N THR B 289 -17.71 17.21 -10.28
CA THR B 289 -17.67 16.59 -11.60
C THR B 289 -16.43 15.72 -11.58
N LEU B 290 -16.29 14.83 -12.55
CA LEU B 290 -15.10 13.98 -12.57
C LEU B 290 -13.85 14.87 -12.62
N GLU B 291 -13.89 15.90 -13.46
CA GLU B 291 -12.79 16.83 -13.62
C GLU B 291 -12.41 17.56 -12.33
N ARG B 292 -13.42 18.10 -11.64
CA ARG B 292 -13.20 18.81 -10.39
C ARG B 292 -12.62 17.85 -9.34
N PHE B 293 -13.17 16.65 -9.32
CA PHE B 293 -12.74 15.58 -8.42
C PHE B 293 -11.26 15.31 -8.65
N ALA B 295 -9.06 17.29 -10.07
CA ALA B 295 -8.33 18.48 -9.68
C ALA B 295 -8.08 18.54 -8.18
N LEU B 296 -9.04 18.06 -7.40
CA LEU B 296 -8.89 18.07 -5.95
C LEU B 296 -7.81 17.11 -5.49
N GLN B 297 -7.61 16.03 -6.24
CA GLN B 297 -6.60 15.03 -5.90
C GLN B 297 -5.19 15.62 -6.01
N PHE B 298 -5.04 16.66 -6.82
CA PHE B 298 -3.73 17.29 -7.02
C PHE B 298 -3.32 18.23 -5.89
N SER B 299 -4.21 18.43 -4.92
CA SER B 299 -3.94 19.31 -3.78
C SER B 299 -2.59 19.03 -3.13
N HIS B 300 -1.78 20.07 -3.00
CA HIS B 300 -0.44 19.97 -2.41
C HIS B 300 -0.16 21.13 -1.46
N ARG B 301 -1.09 21.34 -0.54
CA ARG B 301 -1.01 22.41 0.44
C ARG B 301 -0.06 22.15 1.60
N ALA B 302 0.77 23.14 1.92
CA ALA B 302 1.70 23.02 3.03
C ALA B 302 0.93 23.35 4.30
N VAL B 303 -0.08 22.55 4.61
CA VAL B 303 -0.93 22.76 5.78
C VAL B 303 -0.13 23.08 7.05
N ALA B 305 2.36 24.78 7.30
CA ALA B 305 2.67 26.20 7.24
C ALA B 305 1.53 27.06 7.80
N ASP B 306 0.30 26.74 7.43
CA ASP B 306 -0.86 27.49 7.90
C ASP B 306 -1.00 27.36 9.41
N ARG B 307 -0.48 26.27 9.95
CA ARG B 307 -0.59 26.03 11.39
C ARG B 307 0.55 26.66 12.19
N THR B 308 1.66 26.96 11.53
CA THR B 308 2.81 27.51 12.24
C THR B 308 3.36 28.87 11.82
N LEU B 309 3.36 29.17 10.53
CA LEU B 309 3.91 30.44 10.07
C LEU B 309 3.33 31.70 10.71
N PRO B 310 2.03 31.70 11.05
CA PRO B 310 1.50 32.93 11.66
C PRO B 310 2.22 33.28 12.97
N ASP B 311 2.73 32.27 13.65
CA ASP B 311 3.44 32.48 14.92
C ASP B 311 4.95 32.56 14.75
N LEU B 312 5.48 31.78 13.81
CA LEU B 312 6.91 31.74 13.57
C LEU B 312 7.48 33.02 12.98
N ILE B 313 6.88 33.50 11.89
CA ILE B 313 7.37 34.69 11.21
C ILE B 313 7.61 35.89 12.12
N PRO B 314 6.59 36.35 12.85
CA PRO B 314 6.84 37.51 13.73
C PRO B 314 8.00 37.29 14.69
N ALA B 315 8.11 36.09 15.24
CA ALA B 315 9.18 35.77 16.18
C ALA B 315 10.55 35.83 15.50
N ALA B 316 10.63 35.30 14.29
CA ALA B 316 11.89 35.29 13.55
C ALA B 316 12.33 36.70 13.17
N LEU B 317 11.39 37.52 12.76
CA LEU B 317 11.69 38.89 12.35
C LEU B 317 12.36 39.72 13.43
N ILE B 318 12.19 39.35 14.70
CA ILE B 318 12.82 40.12 15.77
C ILE B 318 14.19 39.58 16.14
N ASP B 319 14.61 38.50 15.49
CA ASP B 319 15.91 37.92 15.76
C ASP B 319 16.95 38.84 15.14
N PRO B 320 18.10 39.03 15.82
CA PRO B 320 19.18 39.90 15.33
C PRO B 320 19.84 39.45 14.03
N ASP B 321 19.92 38.14 13.80
CA ASP B 321 20.54 37.59 12.60
C ASP B 321 19.80 38.02 11.33
N PRO B 322 20.42 38.89 10.52
CA PRO B 322 19.78 39.36 9.29
C PRO B 322 19.35 38.24 8.34
N GLU B 323 20.07 37.12 8.36
CA GLU B 323 19.73 36.00 7.49
C GLU B 323 18.48 35.28 7.99
N VAL B 324 18.25 35.32 9.30
CA VAL B 324 17.06 34.70 9.87
C VAL B 324 15.88 35.58 9.48
N GLN B 325 16.13 36.89 9.42
CA GLN B 325 15.10 37.85 9.04
C GLN B 325 14.71 37.62 7.59
N ALA B 326 15.71 37.50 6.72
CA ALA B 326 15.44 37.26 5.30
C ALA B 326 14.68 35.95 5.11
N ALA B 327 15.04 34.93 5.88
CA ALA B 327 14.37 33.64 5.79
C ALA B 327 12.91 33.84 6.18
N ALA B 328 12.69 34.65 7.22
CA ALA B 328 11.34 34.91 7.68
C ALA B 328 10.51 35.62 6.58
N ARG B 329 11.11 36.57 5.89
CA ARG B 329 10.38 37.26 4.82
C ARG B 329 10.13 36.31 3.66
N LEU B 330 11.12 35.48 3.32
CA LEU B 330 10.97 34.52 2.25
C LEU B 330 9.77 33.59 2.52
N LEU B 331 9.69 33.09 3.75
CA LEU B 331 8.60 32.19 4.15
C LEU B 331 7.28 32.94 4.22
N ALA B 332 7.34 34.22 4.56
CA ALA B 332 6.13 35.01 4.67
C ALA B 332 5.46 35.24 3.33
N ALA B 333 6.25 35.40 2.29
CA ALA B 333 5.71 35.66 0.95
C ALA B 333 5.20 34.41 0.25
N TRP B 334 5.59 33.24 0.77
CA TRP B 334 5.19 31.96 0.19
C TRP B 334 3.69 31.70 0.27
N ASP B 335 3.12 31.26 -0.85
CA ASP B 335 1.69 30.95 -0.90
C ASP B 335 1.36 29.61 -0.24
N ARG B 336 2.35 29.03 0.44
CA ARG B 336 2.17 27.77 1.17
C ARG B 336 1.69 26.57 0.36
N ASP B 337 2.11 26.51 -0.91
CA ASP B 337 1.75 25.39 -1.77
C ASP B 337 3.06 24.84 -2.34
N PHE B 338 3.16 23.51 -2.39
CA PHE B 338 4.37 22.86 -2.90
C PHE B 338 4.42 22.83 -4.42
N THR B 339 4.75 23.97 -5.02
CA THR B 339 4.85 24.07 -6.47
C THR B 339 6.31 23.98 -6.91
N SER B 340 6.53 23.68 -8.18
CA SER B 340 7.89 23.57 -8.69
C SER B 340 8.72 24.84 -8.48
N ASP B 341 8.08 26.00 -8.65
CA ASP B 341 8.75 27.28 -8.51
C ASP B 341 8.91 27.83 -7.10
N SER B 342 8.29 27.20 -6.10
CA SER B 342 8.40 27.71 -4.74
C SER B 342 9.83 27.84 -4.25
N ARG B 343 10.22 29.06 -3.92
CA ARG B 343 11.56 29.30 -3.42
C ARG B 343 11.62 29.15 -1.92
N ALA B 344 10.48 28.91 -1.29
CA ALA B 344 10.45 28.78 0.17
C ALA B 344 10.22 27.35 0.67
N ALA B 345 9.59 26.52 -0.16
CA ALA B 345 9.26 25.14 0.21
C ALA B 345 10.36 24.32 0.89
N LEU B 346 11.52 24.17 0.24
CA LEU B 346 12.62 23.40 0.80
C LEU B 346 12.99 23.93 2.19
N LEU B 347 13.14 25.24 2.30
CA LEU B 347 13.48 25.83 3.58
C LEU B 347 12.43 25.47 4.64
N PHE B 348 11.15 25.60 4.28
CA PHE B 348 10.12 25.27 5.24
C PHE B 348 10.24 23.82 5.70
N GLU B 349 10.53 22.92 4.78
CA GLU B 349 10.69 21.51 5.12
C GLU B 349 11.74 21.31 6.19
N GLU B 350 12.93 21.85 5.95
CA GLU B 350 14.03 21.71 6.89
C GLU B 350 13.66 22.16 8.29
N TRP B 351 12.91 23.25 8.39
CA TRP B 351 12.51 23.73 9.70
C TRP B 351 11.51 22.72 10.26
N ALA B 352 10.60 22.26 9.42
CA ALA B 352 9.58 21.29 9.82
C ALA B 352 10.20 20.00 10.38
N ARG B 353 11.31 19.57 9.78
CA ARG B 353 11.99 18.37 10.24
C ARG B 353 12.40 18.51 11.70
N LEU B 354 12.71 19.73 12.12
CA LEU B 354 13.13 19.97 13.49
C LEU B 354 11.93 20.26 14.37
N PHE B 355 11.03 21.09 13.88
CA PHE B 355 9.84 21.45 14.64
C PHE B 355 8.93 20.25 14.92
N ALA B 356 8.90 19.30 13.99
CA ALA B 356 8.04 18.13 14.18
C ALA B 356 8.73 16.79 13.92
N GLY B 357 10.03 16.74 14.10
CA GLY B 357 10.74 15.49 13.88
C GLY B 357 10.89 15.15 12.40
N GLN B 358 11.79 14.21 12.09
CA GLN B 358 12.06 13.81 10.71
C GLN B 358 10.89 13.30 9.87
N ASN B 359 9.93 12.65 10.53
CA ASN B 359 8.77 12.11 9.84
C ASN B 359 7.65 13.14 9.79
N PHE B 360 7.88 14.28 10.45
CA PHE B 360 6.91 15.38 10.49
C PHE B 360 5.64 15.07 11.27
N ALA B 361 5.69 14.08 12.16
CA ALA B 361 4.50 13.73 12.91
C ALA B 361 4.50 14.23 14.36
N GLY B 362 5.65 14.71 14.83
CA GLY B 362 5.76 15.23 16.18
C GLY B 362 4.66 16.21 16.51
N GLN B 363 4.18 16.16 17.75
CA GLN B 363 3.08 17.02 18.20
C GLN B 363 3.47 17.94 19.33
N ALA B 364 4.56 17.60 20.01
CA ALA B 364 5.04 18.36 21.15
C ALA B 364 5.24 19.87 20.97
N ALA B 365 5.45 20.32 19.74
CA ALA B 365 5.71 21.74 19.54
C ALA B 365 4.54 22.68 19.22
N PHE B 366 3.32 22.16 19.18
CA PHE B 366 2.16 23.01 18.90
C PHE B 366 1.60 23.64 20.16
N ALA B 367 1.04 24.83 20.01
CA ALA B 367 0.46 25.55 21.14
C ALA B 367 -0.87 24.90 21.51
N THR B 368 -1.66 24.54 20.50
CA THR B 368 -2.96 23.91 20.75
C THR B 368 -2.92 22.46 20.25
N PRO B 369 -3.03 21.50 21.18
CA PRO B 369 -2.99 20.07 20.83
C PRO B 369 -4.16 19.63 19.95
N TRP B 370 -3.95 18.52 19.24
CA TRP B 370 -4.98 17.98 18.36
C TRP B 370 -6.20 17.55 19.17
N SER B 371 -7.36 17.62 18.55
CA SER B 371 -8.59 17.22 19.22
C SER B 371 -9.59 16.68 18.21
N LEU B 372 -10.20 15.54 18.57
CA LEU B 372 -11.16 14.91 17.70
C LEU B 372 -12.40 15.79 17.54
N ASP B 373 -12.55 16.77 18.43
CA ASP B 373 -13.68 17.68 18.36
C ASP B 373 -13.48 18.75 17.29
N LYS B 374 -12.22 18.93 16.88
CA LYS B 374 -11.84 19.87 15.83
C LYS B 374 -10.79 19.08 15.03
N PRO B 375 -11.23 17.97 14.43
CA PRO B 375 -10.42 17.04 13.63
C PRO B 375 -9.70 17.57 12.40
N VAL B 376 -10.10 18.73 11.87
CA VAL B 376 -9.42 19.26 10.69
C VAL B 376 -8.86 20.66 10.87
N SER B 377 -8.78 21.12 12.12
CA SER B 377 -8.27 22.46 12.40
C SER B 377 -7.28 22.49 13.57
N THR B 378 -6.83 21.31 13.98
CA THR B 378 -5.86 21.19 15.06
C THR B 378 -4.89 20.07 14.69
N PRO B 379 -3.68 20.08 15.26
CA PRO B 379 -3.12 21.04 16.22
C PRO B 379 -2.85 22.37 15.55
N TYR B 380 -2.63 23.41 16.35
CA TYR B 380 -2.36 24.74 15.82
C TYR B 380 -1.37 25.57 16.63
N GLY B 381 -0.69 26.48 15.94
CA GLY B 381 0.24 27.38 16.59
C GLY B 381 1.56 26.82 17.09
N VAL B 382 2.45 27.75 17.44
CA VAL B 382 3.76 27.41 17.96
C VAL B 382 3.80 27.62 19.48
N ARG B 383 4.15 26.57 20.21
CA ARG B 383 4.22 26.64 21.67
C ARG B 383 5.32 27.57 22.16
N ASP B 384 6.54 27.35 21.70
CA ASP B 384 7.69 28.16 22.10
C ASP B 384 8.31 28.83 20.87
N PRO B 385 7.78 29.99 20.45
CA PRO B 385 8.33 30.67 19.27
C PRO B 385 9.84 30.96 19.34
N LYS B 386 10.36 31.20 20.53
CA LYS B 386 11.79 31.47 20.70
C LYS B 386 12.57 30.23 20.23
N ALA B 387 12.18 29.07 20.76
CA ALA B 387 12.82 27.80 20.40
C ALA B 387 12.67 27.56 18.91
N ALA B 388 11.44 27.73 18.42
CA ALA B 388 11.15 27.54 17.01
C ALA B 388 12.09 28.36 16.14
N VAL B 389 12.39 29.58 16.57
CA VAL B 389 13.28 30.44 15.81
C VAL B 389 14.68 29.84 15.81
N ASP B 390 15.08 29.24 16.92
CA ASP B 390 16.40 28.60 16.96
C ASP B 390 16.37 27.46 15.96
N GLN B 391 15.28 26.72 15.96
CA GLN B 391 15.12 25.60 15.03
C GLN B 391 15.22 26.14 13.60
N LEU B 392 14.67 27.32 13.36
CA LEU B 392 14.74 27.92 12.02
C LEU B 392 16.19 28.27 11.71
N ARG B 393 16.90 28.76 12.72
CA ARG B 393 18.29 29.14 12.57
C ARG B 393 19.09 27.95 12.07
N THR B 394 18.86 26.80 12.70
CA THR B 394 19.53 25.55 12.34
C THR B 394 19.06 25.09 10.96
N ALA B 395 17.77 25.30 10.68
CA ALA B 395 17.20 24.89 9.40
C ALA B 395 17.86 25.65 8.25
N ILE B 396 18.17 26.92 8.47
CA ILE B 396 18.79 27.72 7.43
C ILE B 396 20.13 27.08 7.07
N ALA B 397 20.89 26.70 8.09
CA ALA B 397 22.18 26.04 7.87
C ALA B 397 21.94 24.77 7.08
N ASN B 398 21.02 23.93 7.56
CA ASN B 398 20.72 22.68 6.88
C ASN B 398 20.28 22.85 5.43
N THR B 399 19.43 23.83 5.15
CA THR B 399 18.95 24.05 3.79
C THR B 399 20.08 24.46 2.84
N LYS B 400 20.95 25.36 3.30
CA LYS B 400 22.06 25.81 2.48
C LYS B 400 23.02 24.64 2.21
N ARG B 401 23.25 23.83 3.23
CA ARG B 401 24.14 22.69 3.10
C ARG B 401 23.60 21.64 2.12
N LYS B 402 22.32 21.30 2.27
CA LYS B 402 21.69 20.31 1.40
C LYS B 402 21.42 20.75 -0.02
N TYR B 403 21.01 22.00 -0.20
CA TYR B 403 20.67 22.48 -1.53
C TYR B 403 21.51 23.59 -2.13
N GLY B 404 22.38 24.19 -1.32
CA GLY B 404 23.24 25.25 -1.81
C GLY B 404 22.73 26.67 -1.65
N ALA B 405 21.49 26.81 -1.17
CA ALA B 405 20.87 28.12 -0.97
C ALA B 405 19.59 27.94 -0.18
N ILE B 406 19.10 29.01 0.45
CA ILE B 406 17.87 28.90 1.21
C ILE B 406 16.67 29.10 0.31
N ASP B 407 16.91 29.66 -0.88
CA ASP B 407 15.81 29.91 -1.81
C ASP B 407 15.91 29.19 -3.16
N ARG B 408 16.30 27.93 -3.13
CA ARG B 408 16.40 27.15 -4.34
C ARG B 408 15.00 26.73 -4.77
N PRO B 409 14.69 26.82 -6.07
CA PRO B 409 13.36 26.43 -6.55
C PRO B 409 13.07 24.96 -6.25
N PHE B 410 11.97 24.70 -5.56
CA PHE B 410 11.54 23.34 -5.18
C PHE B 410 11.70 22.35 -6.34
N GLY B 411 11.11 22.68 -7.48
CA GLY B 411 11.18 21.81 -8.64
C GLY B 411 12.55 21.69 -9.28
N ASP B 412 13.52 22.48 -8.83
CA ASP B 412 14.87 22.40 -9.39
C ASP B 412 15.65 21.35 -8.61
N ALA B 413 15.31 21.21 -7.33
CA ALA B 413 15.95 20.23 -6.46
C ALA B 413 15.15 18.92 -6.48
N SER B 414 13.82 19.03 -6.48
CA SER B 414 12.93 17.87 -6.51
C SER B 414 12.66 17.41 -7.94
N ARG B 415 13.26 16.29 -8.33
CA ARG B 415 13.08 15.78 -9.67
C ARG B 415 12.53 14.37 -9.69
N ILE B 417 13.07 11.28 -11.87
CA ILE B 417 14.00 10.73 -12.84
C ILE B 417 13.89 9.23 -12.98
N LEU B 418 13.51 8.80 -14.18
CA LEU B 418 13.38 7.38 -14.51
C LEU B 418 14.09 7.22 -15.85
N ASN B 419 15.02 6.26 -15.92
CA ASN B 419 15.81 6.04 -17.12
C ASN B 419 16.44 7.38 -17.52
N ASP B 420 16.24 7.79 -18.77
CA ASP B 420 16.70 9.15 -19.12
C ASP B 420 15.70 10.30 -19.18
N VAL B 421 14.59 10.12 -18.48
CA VAL B 421 13.56 11.16 -18.43
C VAL B 421 13.78 11.88 -17.12
N ASN B 422 13.94 13.19 -17.20
CA ASN B 422 14.17 14.00 -16.01
C ASN B 422 13.21 15.17 -16.00
N VAL B 423 12.15 15.06 -15.20
CA VAL B 423 11.13 16.10 -15.13
C VAL B 423 11.06 16.76 -13.76
N PRO B 424 10.57 18.00 -13.72
CA PRO B 424 10.43 18.79 -12.48
C PRO B 424 9.37 18.26 -11.51
N GLY B 425 9.68 18.28 -10.22
CA GLY B 425 8.74 17.79 -9.23
C GLY B 425 7.84 18.84 -8.62
N ALA B 426 6.76 18.36 -7.99
CA ALA B 426 5.77 19.19 -7.31
C ALA B 426 5.12 18.31 -6.25
N ALA B 427 4.35 18.90 -5.34
CA ALA B 427 3.71 18.15 -4.27
C ALA B 427 4.82 17.63 -3.35
N GLY B 428 4.45 17.03 -2.21
CA GLY B 428 5.50 16.56 -1.34
C GLY B 428 5.05 15.67 -0.20
N TYR B 429 5.67 15.85 0.95
CA TYR B 429 5.36 15.02 2.11
C TYR B 429 3.92 15.13 2.61
N GLY B 430 3.30 13.97 2.79
CA GLY B 430 1.93 13.94 3.27
C GLY B 430 1.75 14.48 4.67
N ASN B 431 2.72 14.24 5.55
CA ASN B 431 2.59 14.73 6.91
C ASN B 431 2.67 16.25 7.01
N LEU B 432 3.09 16.92 5.95
CA LEU B 432 3.14 18.37 5.97
C LEU B 432 1.80 18.91 5.46
N GLY B 433 0.96 18.02 4.94
CA GLY B 433 -0.35 18.41 4.46
C GLY B 433 -0.64 18.17 2.99
N SER B 434 0.39 17.80 2.24
CA SER B 434 0.24 17.55 0.81
C SER B 434 -0.61 16.29 0.61
N PHE B 435 -1.71 16.43 -0.14
CA PHE B 435 -2.60 15.29 -0.39
C PHE B 435 -1.95 14.38 -1.42
N ARG B 436 -1.63 14.95 -2.58
CA ARG B 436 -0.95 14.19 -3.62
C ARG B 436 0.41 14.02 -2.95
N VAL B 437 0.96 12.81 -2.93
CA VAL B 437 2.21 12.59 -2.22
C VAL B 437 3.44 12.11 -2.98
N PHE B 438 4.58 12.67 -2.59
CA PHE B 438 5.88 12.31 -3.14
C PHE B 438 6.86 12.40 -1.97
N THR B 439 7.23 11.25 -1.42
CA THR B 439 8.16 11.26 -0.30
C THR B 439 9.55 11.36 -0.88
N TRP B 440 10.03 12.60 -0.98
CA TRP B 440 11.34 12.89 -1.54
C TRP B 440 12.48 12.31 -0.71
N SER B 441 13.49 11.79 -1.40
CA SER B 441 14.63 11.19 -0.75
C SER B 441 15.55 12.31 -0.30
N ASP B 442 16.55 11.98 0.49
CA ASP B 442 17.51 12.99 0.89
C ASP B 442 18.19 13.34 -0.43
N PRO B 443 18.72 14.56 -0.56
CA PRO B 443 19.38 14.96 -1.81
C PRO B 443 20.78 14.38 -1.94
N ASP B 444 21.33 14.43 -3.15
CA ASP B 444 22.69 13.95 -3.38
C ASP B 444 23.64 15.13 -3.27
N GLU B 445 24.90 14.93 -3.67
CA GLU B 445 25.91 15.99 -3.61
C GLU B 445 25.53 17.29 -4.33
N ASN B 446 24.60 17.22 -5.28
CA ASN B 446 24.18 18.40 -6.03
C ASN B 446 22.82 18.92 -5.60
N GLY B 447 22.28 18.36 -4.52
CA GLY B 447 21.00 18.78 -4.03
C GLY B 447 19.79 18.18 -4.75
N ILE B 448 20.03 17.25 -5.66
CA ILE B 448 18.95 16.60 -6.40
C ILE B 448 18.35 15.46 -5.59
N ARG B 449 17.02 15.37 -5.61
CA ARG B 449 16.33 14.31 -4.89
C ARG B 449 15.17 13.79 -5.74
N THR B 450 14.76 12.56 -5.50
CA THR B 450 13.65 11.97 -6.25
C THR B 450 12.69 11.26 -5.30
N PRO B 451 11.53 10.82 -5.80
CA PRO B 451 10.54 10.14 -4.96
C PRO B 451 11.00 8.74 -4.54
N VAL B 452 10.91 8.49 -3.24
CA VAL B 452 11.28 7.21 -2.65
C VAL B 452 10.03 6.35 -2.49
N HIS B 453 8.90 7.05 -2.33
CA HIS B 453 7.61 6.44 -2.11
C HIS B 453 6.58 7.53 -2.38
N GLY B 454 5.31 7.15 -2.51
CA GLY B 454 4.27 8.13 -2.78
C GLY B 454 3.36 7.69 -3.91
N GLU B 455 2.87 8.64 -4.70
CA GLU B 455 1.99 8.34 -5.82
C GLU B 455 2.56 7.21 -6.68
N THR B 456 1.74 6.21 -6.93
CA THR B 456 2.10 5.08 -7.77
C THR B 456 0.93 4.94 -8.73
N TRP B 457 -0.03 4.09 -8.40
CA TRP B 457 -1.21 3.92 -9.22
C TRP B 457 -2.21 4.97 -8.77
N VAL B 458 -2.71 5.77 -9.71
CA VAL B 458 -3.68 6.80 -9.38
C VAL B 458 -4.76 6.77 -10.44
N ALA B 459 -6.00 6.59 -9.99
CA ALA B 459 -7.12 6.55 -10.92
C ALA B 459 -8.35 7.16 -10.26
N ILE B 461 -12.53 7.29 -11.02
CA ILE B 461 -13.59 6.72 -11.82
C ILE B 461 -14.98 7.28 -11.55
N GLU B 462 -15.72 7.56 -12.62
CA GLU B 462 -17.10 8.02 -12.49
C GLU B 462 -17.97 6.88 -13.01
N PHE B 463 -18.88 6.40 -12.17
CA PHE B 463 -19.73 5.30 -12.56
C PHE B 463 -20.97 5.65 -13.36
N SER B 464 -20.74 6.32 -14.48
CA SER B 464 -21.80 6.69 -15.40
C SER B 464 -22.04 5.47 -16.29
N THR B 465 -22.79 5.62 -17.36
CA THR B 465 -23.05 4.50 -18.26
C THR B 465 -22.86 4.90 -19.71
N PRO B 466 -21.74 4.48 -20.33
CA PRO B 466 -20.66 3.67 -19.75
C PRO B 466 -19.80 4.46 -18.77
N VAL B 467 -19.00 3.77 -17.97
CA VAL B 467 -18.14 4.44 -17.00
C VAL B 467 -17.02 5.25 -17.67
N ARG B 468 -16.52 6.25 -16.96
CA ARG B 468 -15.43 7.08 -17.47
C ARG B 468 -14.32 7.05 -16.43
N ALA B 469 -13.11 6.73 -16.84
CA ALA B 469 -12.01 6.66 -15.89
C ALA B 469 -10.69 7.18 -16.42
N TYR B 470 -9.88 7.75 -15.53
CA TYR B 470 -8.58 8.27 -15.88
C TYR B 470 -7.57 7.73 -14.88
N GLY B 471 -6.34 7.56 -15.32
CA GLY B 471 -5.33 7.04 -14.42
C GLY B 471 -3.90 7.24 -14.90
N LEU B 472 -2.95 6.93 -14.03
CA LEU B 472 -1.53 7.04 -14.32
C LEU B 472 -0.74 6.16 -13.37
N SER B 474 3.04 6.01 -11.98
CA SER B 474 4.31 6.73 -11.89
C SER B 474 5.49 6.05 -12.58
N TYR B 475 5.78 4.82 -12.18
CA TYR B 475 6.91 4.08 -12.75
C TYR B 475 6.57 3.13 -13.90
N GLY B 476 5.55 3.47 -14.68
CA GLY B 476 5.20 2.64 -15.82
C GLY B 476 4.61 1.27 -15.52
N ASN B 477 4.39 0.50 -16.58
CA ASN B 477 3.80 -0.83 -16.44
C ASN B 477 4.78 -1.99 -16.54
N SER B 478 6.08 -1.70 -16.54
CA SER B 478 7.07 -2.77 -16.62
C SER B 478 8.45 -2.35 -16.13
N ARG B 479 9.19 -3.31 -15.57
CA ARG B 479 10.54 -3.07 -15.07
C ARG B 479 11.51 -4.09 -15.62
N GLN B 480 11.11 -4.78 -16.68
CA GLN B 480 12.01 -5.76 -17.27
C GLN B 480 13.12 -5.00 -17.98
N PRO B 481 14.36 -5.48 -17.87
CA PRO B 481 15.48 -4.80 -18.53
C PRO B 481 15.19 -4.43 -19.98
N GLY B 482 15.50 -3.18 -20.33
CA GLY B 482 15.30 -2.71 -21.69
C GLY B 482 13.89 -2.36 -22.13
N THR B 483 12.92 -2.45 -21.23
CA THR B 483 11.54 -2.14 -21.60
C THR B 483 11.35 -0.64 -21.83
N THR B 484 10.48 -0.31 -22.76
CA THR B 484 10.18 1.10 -23.06
C THR B 484 9.01 1.54 -22.19
N HIS B 485 8.50 0.65 -21.35
CA HIS B 485 7.35 1.00 -20.53
C HIS B 485 7.64 1.15 -19.06
N TYR B 486 8.71 1.87 -18.74
CA TYR B 486 9.09 2.11 -17.36
C TYR B 486 9.09 3.61 -17.12
N SER B 487 9.74 4.33 -18.01
CA SER B 487 9.86 5.77 -17.91
C SER B 487 8.94 6.54 -18.87
N ASP B 488 7.99 5.85 -19.48
CA ASP B 488 7.09 6.51 -20.43
C ASP B 488 5.83 7.13 -19.85
N GLN B 489 5.74 7.27 -18.53
CA GLN B 489 4.55 7.89 -17.94
C GLN B 489 4.90 9.02 -16.97
N ILE B 490 6.13 9.02 -16.48
CA ILE B 490 6.55 10.02 -15.52
C ILE B 490 6.47 11.46 -16.02
N GLU B 491 6.64 11.67 -17.33
CA GLU B 491 6.56 13.02 -17.89
C GLU B 491 5.14 13.53 -17.72
N ARG B 492 4.15 12.66 -17.91
CA ARG B 492 2.75 13.03 -17.77
C ARG B 492 2.38 13.25 -16.30
N VAL B 493 3.02 12.49 -15.42
CA VAL B 493 2.77 12.65 -13.99
C VAL B 493 3.18 14.07 -13.58
N SER B 494 4.29 14.55 -14.15
CA SER B 494 4.80 15.88 -13.82
C SER B 494 3.86 16.99 -14.28
N ARG B 495 2.90 16.65 -15.15
CA ARG B 495 1.92 17.64 -15.63
C ARG B 495 0.50 17.24 -15.22
N ALA B 496 0.37 16.17 -14.42
CA ALA B 496 -0.93 15.68 -14.00
C ALA B 496 -1.83 15.48 -15.21
N ASP B 497 -1.22 15.03 -16.31
CA ASP B 497 -1.94 14.77 -17.55
C ASP B 497 -2.29 13.27 -17.59
N PHE B 498 -3.46 12.94 -17.08
CA PHE B 498 -3.93 11.56 -16.99
C PHE B 498 -4.43 10.91 -18.27
N ARG B 499 -4.22 9.60 -18.38
CA ARG B 499 -4.67 8.81 -19.53
C ARG B 499 -6.10 8.38 -19.29
N GLU B 500 -6.90 8.30 -20.34
CA GLU B 500 -8.25 7.80 -20.16
C GLU B 500 -8.07 6.30 -20.15
N LEU B 501 -8.64 5.64 -19.14
CA LEU B 501 -8.54 4.21 -19.05
C LEU B 501 -9.54 3.61 -20.02
N LEU B 502 -9.07 2.71 -20.87
CA LEU B 502 -9.92 2.11 -21.90
C LEU B 502 -10.52 0.75 -21.50
N LEU B 503 -11.85 0.74 -21.33
CA LEU B 503 -12.56 -0.48 -20.95
C LEU B 503 -13.37 -1.09 -22.09
N ARG B 504 -13.91 -0.23 -22.96
CA ARG B 504 -14.72 -0.70 -24.07
C ARG B 504 -13.88 -1.26 -25.21
N ARG B 505 -14.32 -2.39 -25.74
CA ARG B 505 -13.64 -3.09 -26.82
C ARG B 505 -13.23 -2.17 -27.96
N GLU B 506 -14.17 -1.34 -28.42
CA GLU B 506 -13.88 -0.41 -29.51
C GLU B 506 -12.72 0.51 -29.19
N GLN B 507 -12.67 0.96 -27.94
CA GLN B 507 -11.59 1.84 -27.50
C GLN B 507 -10.27 1.09 -27.51
N VAL B 508 -10.30 -0.14 -27.00
CA VAL B 508 -9.11 -0.98 -26.94
C VAL B 508 -8.56 -1.24 -28.34
N GLU B 509 -9.44 -1.67 -29.24
CA GLU B 509 -9.06 -1.94 -30.62
C GLU B 509 -8.45 -0.74 -31.30
N ALA B 510 -8.87 0.45 -30.91
CA ALA B 510 -8.33 1.66 -31.52
C ALA B 510 -6.92 1.95 -31.03
N ALA B 511 -6.62 1.56 -29.79
CA ALA B 511 -5.31 1.82 -29.22
C ALA B 511 -4.31 0.67 -29.22
N VAL B 512 -4.69 -0.48 -29.76
CA VAL B 512 -3.79 -1.63 -29.75
C VAL B 512 -2.49 -1.45 -30.54
N GLN B 513 -1.38 -1.76 -29.89
CA GLN B 513 -0.05 -1.66 -30.50
C GLN B 513 0.57 -3.04 -30.65
N GLU B 514 0.01 -4.02 -29.93
CA GLU B 514 0.52 -5.38 -30.01
C GLU B 514 -0.57 -6.41 -29.72
N ARG B 515 -0.63 -7.45 -30.55
CA ARG B 515 -1.59 -8.52 -30.37
C ARG B 515 -0.85 -9.82 -30.07
N THR B 516 -1.18 -10.42 -28.94
CA THR B 516 -0.54 -11.67 -28.54
C THR B 516 -1.63 -12.73 -28.40
N PRO B 517 -1.88 -13.51 -29.47
CA PRO B 517 -2.90 -14.56 -29.40
C PRO B 517 -2.33 -15.68 -28.54
N PHE B 518 -3.19 -16.42 -27.85
CA PHE B 518 -2.69 -17.51 -27.02
C PHE B 518 -3.71 -18.64 -26.92
N ASN B 519 -3.26 -19.76 -26.35
CA ASN B 519 -4.11 -20.93 -26.17
C ASN B 519 -3.78 -21.65 -24.88
N PHE B 520 -4.80 -21.97 -24.09
CA PHE B 520 -4.59 -22.69 -22.85
C PHE B 520 -5.36 -24.01 -22.91
#